data_2H9S
# 
_entry.id   2H9S 
# 
_audit_conform.dict_name       mmcif_pdbx.dic 
_audit_conform.dict_version    5.387 
_audit_conform.dict_location   http://mmcif.pdb.org/dictionaries/ascii/mmcif_pdbx.dic 
# 
loop_
_database_2.database_id 
_database_2.database_code 
_database_2.pdbx_database_accession 
_database_2.pdbx_DOI 
PDB   2H9S         pdb_00002h9s 10.2210/pdb2h9s/pdb 
NDB   UD0070       ?            ?                   
RCSB  RCSB038108   ?            ?                   
WWPDB D_1000038108 ?            ?                   
# 
loop_
_pdbx_audit_revision_history.ordinal 
_pdbx_audit_revision_history.data_content_type 
_pdbx_audit_revision_history.major_revision 
_pdbx_audit_revision_history.minor_revision 
_pdbx_audit_revision_history.revision_date 
1 'Structure model' 1 0 2006-12-12 
2 'Structure model' 1 1 2008-05-01 
3 'Structure model' 1 2 2011-07-13 
4 'Structure model' 1 3 2019-07-24 
5 'Structure model' 1 4 2024-02-14 
# 
_pdbx_audit_revision_details.ordinal             1 
_pdbx_audit_revision_details.revision_ordinal    1 
_pdbx_audit_revision_details.data_content_type   'Structure model' 
_pdbx_audit_revision_details.provider            repository 
_pdbx_audit_revision_details.type                'Initial release' 
_pdbx_audit_revision_details.description         ? 
_pdbx_audit_revision_details.details             ? 
# 
loop_
_pdbx_audit_revision_group.ordinal 
_pdbx_audit_revision_group.revision_ordinal 
_pdbx_audit_revision_group.data_content_type 
_pdbx_audit_revision_group.group 
1  2 'Structure model' 'Version format compliance' 
2  3 'Structure model' 'Version format compliance' 
3  4 'Structure model' Advisory                    
4  4 'Structure model' 'Data collection'           
5  4 'Structure model' 'Derived calculations'      
6  4 'Structure model' 'Refinement description'    
7  5 'Structure model' Advisory                    
8  5 'Structure model' 'Data collection'           
9  5 'Structure model' 'Database references'       
10 5 'Structure model' 'Derived calculations'      
# 
loop_
_pdbx_audit_revision_category.ordinal 
_pdbx_audit_revision_category.revision_ordinal 
_pdbx_audit_revision_category.data_content_type 
_pdbx_audit_revision_category.category 
1  4 'Structure model' pdbx_struct_special_symmetry    
2  4 'Structure model' pdbx_unobs_or_zero_occ_residues 
3  4 'Structure model' software                        
4  4 'Structure model' struct_conn                     
5  5 'Structure model' chem_comp_atom                  
6  5 'Structure model' chem_comp_bond                  
7  5 'Structure model' database_2                      
8  5 'Structure model' pdbx_struct_conn_angle          
9  5 'Structure model' pdbx_unobs_or_zero_occ_residues 
10 5 'Structure model' struct_conn                     
11 5 'Structure model' struct_site                     
# 
loop_
_pdbx_audit_revision_item.ordinal 
_pdbx_audit_revision_item.revision_ordinal 
_pdbx_audit_revision_item.data_content_type 
_pdbx_audit_revision_item.item 
1  4 'Structure model' '_software.classification'                  
2  4 'Structure model' '_software.name'                            
3  4 'Structure model' '_software.version'                         
4  4 'Structure model' '_struct_conn.pdbx_leaving_atom_flag'       
5  5 'Structure model' '_database_2.pdbx_DOI'                      
6  5 'Structure model' '_database_2.pdbx_database_accession'       
7  5 'Structure model' '_pdbx_struct_conn_angle.ptnr1_auth_seq_id' 
8  5 'Structure model' '_pdbx_struct_conn_angle.ptnr3_auth_seq_id' 
9  5 'Structure model' '_pdbx_struct_conn_angle.value'             
10 5 'Structure model' '_struct_conn.pdbx_dist_value'              
11 5 'Structure model' '_struct_conn.ptnr2_auth_seq_id'            
12 5 'Structure model' '_struct_site.pdbx_auth_asym_id'            
13 5 'Structure model' '_struct_site.pdbx_auth_comp_id'            
14 5 'Structure model' '_struct_site.pdbx_auth_seq_id'             
# 
_pdbx_database_status.status_code                     REL 
_pdbx_database_status.entry_id                        2H9S 
_pdbx_database_status.recvd_initial_deposition_date   2006-06-11 
_pdbx_database_status.deposit_site                    RCSB 
_pdbx_database_status.process_site                    RCSB 
_pdbx_database_status.status_code_sf                  REL 
_pdbx_database_status.status_code_mr                  ? 
_pdbx_database_status.SG_entry                        ? 
_pdbx_database_status.pdb_format_compatible           Y 
_pdbx_database_status.status_code_cs                  ? 
_pdbx_database_status.methods_development_category    ? 
_pdbx_database_status.status_code_nmr_data            ? 
# 
loop_
_audit_author.name 
_audit_author.pdbx_ordinal 
'Egli, M.'     1 
'Pallan, P.S.' 2 
# 
_citation.id                        primary 
_citation.title                     
;Crystal structure of homo-DNA and nature's choice of pentose over hexose in the genetic system.
;
_citation.journal_abbrev            J.Am.Chem.Soc. 
_citation.journal_volume            128 
_citation.page_first                10847 
_citation.page_last                 10856 
_citation.year                      2006 
_citation.journal_id_ASTM           JACSAT 
_citation.country                   US 
_citation.journal_id_ISSN           0002-7863 
_citation.journal_id_CSD            0004 
_citation.book_publisher            ? 
_citation.pdbx_database_id_PubMed   16910680 
_citation.pdbx_database_id_DOI      10.1021/ja062548x 
# 
loop_
_citation_author.citation_id 
_citation_author.name 
_citation_author.ordinal 
_citation_author.identifier_ORCID 
primary 'Egli, M.'        1 ? 
primary 'Pallan, P.S.'    2 ? 
primary 'Pattanayek, R.'  3 ? 
primary 'Wilds, C.J.'     4 ? 
primary 'Lubini, P.'      5 ? 
primary 'Minasov, G.'     6 ? 
primary 'Dobler, M.'      7 ? 
primary 'Leumann, C.J.'   8 ? 
primary 'Eschenmoser, A.' 9 ? 
# 
loop_
_entity.id 
_entity.type 
_entity.src_method 
_entity.pdbx_description 
_entity.formula_weight 
_entity.pdbx_number_of_molecules 
_entity.pdbx_ec 
_entity.pdbx_mutation 
_entity.pdbx_fragment 
_entity.details 
1 polymer     syn "5'-D(*(XCT)P*(XGU)P*(XAD)P*(XAD)P*(XTH)P*(XTH)P*(XCT)P*(XGU))-3'" 2538.831 2  ? ? ? ? 
2 non-polymer syn 'MAGNESIUM ION'                                                    24.305   1  ? ? ? ? 
3 water       nat water                                                              18.015   72 ? ? ? ? 
# 
_entity_poly.entity_id                      1 
_entity_poly.type                           polydeoxyribonucleotide 
_entity_poly.nstd_linkage                   no 
_entity_poly.nstd_monomer                   yes 
_entity_poly.pdbx_seq_one_letter_code       '(XCT)(XGU)(XAD)(XAD)(XTH)(XTH)(XCT)(XGU)' 
_entity_poly.pdbx_seq_one_letter_code_can   CGAATTCG 
_entity_poly.pdbx_strand_id                 A,B 
_entity_poly.pdbx_target_identifier         ? 
# 
loop_
_pdbx_entity_nonpoly.entity_id 
_pdbx_entity_nonpoly.name 
_pdbx_entity_nonpoly.comp_id 
2 'MAGNESIUM ION' MG  
3 water           HOH 
# 
loop_
_entity_poly_seq.entity_id 
_entity_poly_seq.num 
_entity_poly_seq.mon_id 
_entity_poly_seq.hetero 
1 1 XCT n 
1 2 XGU n 
1 3 XAD n 
1 4 XAD n 
1 5 XTH n 
1 6 XTH n 
1 7 XCT n 
1 8 XGU n 
# 
_pdbx_entity_src_syn.entity_id              1 
_pdbx_entity_src_syn.pdbx_src_id            1 
_pdbx_entity_src_syn.pdbx_alt_source_flag   sample 
_pdbx_entity_src_syn.pdbx_beg_seq_num       ? 
_pdbx_entity_src_syn.pdbx_end_seq_num       ? 
_pdbx_entity_src_syn.organism_scientific    ? 
_pdbx_entity_src_syn.organism_common_name   ? 
_pdbx_entity_src_syn.ncbi_taxonomy_id       ? 
_pdbx_entity_src_syn.details                'Chemically Synthesized' 
# 
loop_
_chem_comp.id 
_chem_comp.type 
_chem_comp.mon_nstd_flag 
_chem_comp.name 
_chem_comp.pdbx_synonyms 
_chem_comp.formula 
_chem_comp.formula_weight 
HOH non-polymer   . WATER                                                                                            ? 'H2 O' 
18.015  
MG  non-polymer   . 'MAGNESIUM ION'                                                                                  ? 'Mg 2' 
24.305  
XAD 'DNA linking' n '9-(2,3-DIDEOXY-6-O-PHOSPHONO-BETA-D-ERYTHRO-HEXOPYRANOSYL)-9H-PURIN-6-AMINE'                    
;2',3'-DI-DEOXY-BETA-D-GLUCOPYRANOSYL ADENINE
;
'C11 H16 N5 O6 P' 345.248 
XCT 'DNA linking' n '4-AMINO-1-(2,3-DIDEOXY-6-O-PHOSPHONO-BETA-D-ERYTHRO-HEXOPYRANOSYL)PYRIMIDIN-2(1H)-ONE'          
;2',3'-DI-DEOXY-BETA-D-GLUCOPYRANOSYL CYTOSINE
;
'C10 H16 N3 O7 P' 321.224 
XGU 'DNA linking' n '2-AMINO-9-(2,3-DIDEOXY-6-O-PHOSPHONO-BETA-D-ERYTHRO-HEXOPYRANOSYL)-1,9-DIHYDRO-6H-PURIN-6-ONE'  
;2',3'-DI-DEOXY-BETA-D-GLUCOPYRANOSYL GUANINE
;
'C11 H16 N5 O7 P' 361.248 
XTH 'DNA linking' n '1-(2,3-DIDEOXY-6-O-PHOSPHONO-BETA-D-ERYTHRO-HEXOPYRANOSYL)-5-METHYLPYRIMIDINE-2,4(1H,3H)-DIONE' 
;2',3'-DI-DEOXY-BETA-D-GLUCOPYRANOSYL THYMINE
;
'C11 H17 N2 O8 P' 336.235 
# 
loop_
_pdbx_poly_seq_scheme.asym_id 
_pdbx_poly_seq_scheme.entity_id 
_pdbx_poly_seq_scheme.seq_id 
_pdbx_poly_seq_scheme.mon_id 
_pdbx_poly_seq_scheme.ndb_seq_num 
_pdbx_poly_seq_scheme.pdb_seq_num 
_pdbx_poly_seq_scheme.auth_seq_num 
_pdbx_poly_seq_scheme.pdb_mon_id 
_pdbx_poly_seq_scheme.auth_mon_id 
_pdbx_poly_seq_scheme.pdb_strand_id 
_pdbx_poly_seq_scheme.pdb_ins_code 
_pdbx_poly_seq_scheme.hetero 
A 1 1 XCT 1 1  1  XCT XCT A . n 
A 1 2 XGU 2 2  2  XGU XGU A . n 
A 1 3 XAD 3 3  3  XAD XAD A . n 
A 1 4 XAD 4 4  4  XAD XAD A . n 
A 1 5 XTH 5 5  5  XTH XTH A . n 
A 1 6 XTH 6 6  6  XTH XTH A . n 
A 1 7 XCT 7 7  7  XCT XCT A . n 
A 1 8 XGU 8 8  8  XGU XGU A . n 
B 1 1 XCT 1 9  9  XCT XCT B . n 
B 1 2 XGU 2 10 10 XGU XGU B . n 
B 1 3 XAD 3 11 11 XAD XAD B . n 
B 1 4 XAD 4 12 12 XAD XAD B . n 
B 1 5 XTH 5 13 13 XTH XTH B . n 
B 1 6 XTH 6 14 14 XTH XTH B . n 
B 1 7 XCT 7 15 15 XCT XCT B . n 
B 1 8 XGU 8 16 16 XGU XGU B . n 
# 
loop_
_pdbx_nonpoly_scheme.asym_id 
_pdbx_nonpoly_scheme.entity_id 
_pdbx_nonpoly_scheme.mon_id 
_pdbx_nonpoly_scheme.ndb_seq_num 
_pdbx_nonpoly_scheme.pdb_seq_num 
_pdbx_nonpoly_scheme.auth_seq_num 
_pdbx_nonpoly_scheme.pdb_mon_id 
_pdbx_nonpoly_scheme.auth_mon_id 
_pdbx_nonpoly_scheme.pdb_strand_id 
_pdbx_nonpoly_scheme.pdb_ins_code 
C 2 MG  1  200 200 MG  MO6 A . 
D 3 HOH 1  201 200 HOH MO6 A . 
D 3 HOH 2  202 200 HOH MO6 A . 
D 3 HOH 3  203 200 HOH MO6 A . 
D 3 HOH 4  204 200 HOH MO6 A . 
D 3 HOH 5  205 200 HOH MO6 A . 
D 3 HOH 6  206 1   HOH HOH A . 
D 3 HOH 7  207 3   HOH HOH A . 
D 3 HOH 8  208 4   HOH HOH A . 
D 3 HOH 9  209 9   HOH HOH A . 
D 3 HOH 10 210 10  HOH HOH A . 
D 3 HOH 11 211 11  HOH HOH A . 
D 3 HOH 12 212 16  HOH HOH A . 
D 3 HOH 13 213 19  HOH HOH A . 
D 3 HOH 14 214 20  HOH HOH A . 
D 3 HOH 15 215 29  HOH HOH A . 
D 3 HOH 16 216 32  HOH HOH A . 
D 3 HOH 17 217 33  HOH HOH A . 
D 3 HOH 18 218 34  HOH HOH A . 
D 3 HOH 19 219 37  HOH HOH A . 
D 3 HOH 20 220 38  HOH HOH A . 
D 3 HOH 21 221 41  HOH HOH A . 
D 3 HOH 22 222 48  HOH HOH A . 
D 3 HOH 23 223 55  HOH HOH A . 
D 3 HOH 24 224 56  HOH HOH A . 
D 3 HOH 25 225 65  HOH HOH A . 
D 3 HOH 26 226 66  HOH HOH A . 
D 3 HOH 27 227 67  HOH HOH A . 
D 3 HOH 28 228 69  HOH HOH A . 
D 3 HOH 29 229 70  HOH HOH A . 
D 3 HOH 30 230 71  HOH HOH A . 
E 3 HOH 1  17  2   HOH HOH B . 
E 3 HOH 2  18  5   HOH HOH B . 
E 3 HOH 3  19  6   HOH HOH B . 
E 3 HOH 4  20  7   HOH HOH B . 
E 3 HOH 5  21  8   HOH HOH B . 
E 3 HOH 6  22  12  HOH HOH B . 
E 3 HOH 7  23  13  HOH HOH B . 
E 3 HOH 8  24  14  HOH HOH B . 
E 3 HOH 9  25  17  HOH HOH B . 
E 3 HOH 10 26  18  HOH HOH B . 
E 3 HOH 11 27  21  HOH HOH B . 
E 3 HOH 12 28  22  HOH HOH B . 
E 3 HOH 13 29  23  HOH HOH B . 
E 3 HOH 14 30  24  HOH HOH B . 
E 3 HOH 15 31  25  HOH HOH B . 
E 3 HOH 16 32  26  HOH HOH B . 
E 3 HOH 17 33  27  HOH HOH B . 
E 3 HOH 18 34  28  HOH HOH B . 
E 3 HOH 19 35  30  HOH HOH B . 
E 3 HOH 20 36  31  HOH HOH B . 
E 3 HOH 21 37  35  HOH HOH B . 
E 3 HOH 22 38  36  HOH HOH B . 
E 3 HOH 23 39  39  HOH HOH B . 
E 3 HOH 24 40  40  HOH HOH B . 
E 3 HOH 25 41  43  HOH HOH B . 
E 3 HOH 26 42  45  HOH HOH B . 
E 3 HOH 27 43  46  HOH HOH B . 
E 3 HOH 28 44  47  HOH HOH B . 
E 3 HOH 29 45  49  HOH HOH B . 
E 3 HOH 30 46  50  HOH HOH B . 
E 3 HOH 31 47  51  HOH HOH B . 
E 3 HOH 32 48  52  HOH HOH B . 
E 3 HOH 33 49  53  HOH HOH B . 
E 3 HOH 34 50  54  HOH HOH B . 
E 3 HOH 35 51  57  HOH HOH B . 
E 3 HOH 36 52  58  HOH HOH B . 
E 3 HOH 37 53  59  HOH HOH B . 
E 3 HOH 38 54  60  HOH HOH B . 
E 3 HOH 39 55  61  HOH HOH B . 
E 3 HOH 40 56  62  HOH HOH B . 
E 3 HOH 41 57  63  HOH HOH B . 
E 3 HOH 42 58  64  HOH HOH B . 
# 
loop_
_software.name 
_software.classification 
_software.version 
_software.citation_id 
_software.pdbx_ordinal 
REFMAC   refinement       5.0 ? 1 
HKL-2000 'data reduction' .   ? 2 
CNS      refinement       .   ? 3 
DENZO    'data reduction' .   ? 4 
HKL-2000 'data scaling'   .   ? 5 
CNS      phasing          .   ? 6 
# 
_cell.entry_id           2H9S 
_cell.length_a           38.940 
_cell.length_b           38.940 
_cell.length_c           133.850 
_cell.angle_alpha        90.00 
_cell.angle_beta         90.00 
_cell.angle_gamma        120.00 
_cell.Z_PDB              24 
_cell.pdbx_unique_axis   ? 
_cell.length_a_esd       ? 
_cell.length_b_esd       ? 
_cell.length_c_esd       ? 
_cell.angle_alpha_esd    ? 
_cell.angle_beta_esd     ? 
_cell.angle_gamma_esd    ? 
# 
_symmetry.entry_id                         2H9S 
_symmetry.space_group_name_H-M             'P 61 2 2' 
_symmetry.pdbx_full_space_group_name_H-M   ? 
_symmetry.cell_setting                     ? 
_symmetry.Int_Tables_number                178 
_symmetry.space_group_name_Hall            ? 
# 
_exptl.entry_id          2H9S 
_exptl.method            'X-RAY DIFFRACTION' 
_exptl.crystals_number   2 
# 
_exptl_crystal.id                    1 
_exptl_crystal.density_meas          ? 
_exptl_crystal.density_Matthews      2.88 
_exptl_crystal.density_percent_sol   57.36 
_exptl_crystal.description           ? 
_exptl_crystal.F_000                 ? 
_exptl_crystal.preparation           ? 
# 
_exptl_crystal_grow.crystal_id      1 
_exptl_crystal_grow.method          'VAPOR DIFFUSION, SITTING DROP' 
_exptl_crystal_grow.temp            290 
_exptl_crystal_grow.temp_details    ? 
_exptl_crystal_grow.pH              7.0 
_exptl_crystal_grow.pdbx_details    
;1.5 mM homo-DNA, 8 mM Sodium Cacodylate (pH 7.0), 6 mM Magnesium Chloride, 12% MPD (2-methyl-2,4-pentanediol), VAPOR DIFFUSION, SITTING DROP, temperature 290K
;
_exptl_crystal_grow.pdbx_pH_range   . 
# 
loop_
_exptl_crystal_grow_comp.crystal_id 
_exptl_crystal_grow_comp.id 
_exptl_crystal_grow_comp.sol_id 
_exptl_crystal_grow_comp.name 
_exptl_crystal_grow_comp.volume 
_exptl_crystal_grow_comp.conc 
_exptl_crystal_grow_comp.details 
1 1 1 'Sodium Cacodylate'              ? ? ? 
1 2 1 'Magnesium Chloride'             ? ? ? 
1 3 1 'MPD (2-methyl-2,4-pentanediol)' ? ? ? 
1 4 1 H2O                              ? ? ? 
1 5 2 'Sodium Cacodylate'              ? ? ? 
1 6 2 'Magnesium Chloride'             ? ? ? 
1 7 2 H2O                              ? ? ? 
# 
_diffrn.id                     1 
_diffrn.ambient_temp           110 
_diffrn.ambient_temp_details   ? 
_diffrn.crystal_id             1 
# 
_diffrn_detector.diffrn_id              1 
_diffrn_detector.detector               CCD 
_diffrn_detector.type                   MARRESEARCH 
_diffrn_detector.pdbx_collection_date   2000-03-06 
_diffrn_detector.details                ? 
# 
_diffrn_radiation.diffrn_id                        1 
_diffrn_radiation.wavelength_id                    1 
_diffrn_radiation.pdbx_monochromatic_or_laue_m_l   M 
_diffrn_radiation.monochromator                    'Double crystal Si(111) cryogenically cooled monochromator' 
_diffrn_radiation.pdbx_diffrn_protocol             MAD 
_diffrn_radiation.pdbx_scattering_type             x-ray 
# 
_diffrn_radiation_wavelength.id           1 
_diffrn_radiation_wavelength.wavelength   1.00 
_diffrn_radiation_wavelength.wt           1.0 
# 
_diffrn_source.diffrn_id                   1 
_diffrn_source.source                      SYNCHROTRON 
_diffrn_source.type                        'APS BEAMLINE 5ID-B' 
_diffrn_source.pdbx_synchrotron_site       APS 
_diffrn_source.pdbx_synchrotron_beamline   5ID-B 
_diffrn_source.pdbx_wavelength             ? 
_diffrn_source.pdbx_wavelength_list        1.00 
# 
_reflns.entry_id                     2H9S 
_reflns.observed_criterion_sigma_F   0.0 
_reflns.observed_criterion_sigma_I   0.0 
_reflns.d_resolution_high            1.75 
_reflns.d_resolution_low             20.0 
_reflns.number_all                   ? 
_reflns.number_obs                   6688 
_reflns.percent_possible_obs         99.2 
_reflns.pdbx_Rmerge_I_obs            0.035 
_reflns.pdbx_Rsym_value              ? 
_reflns.pdbx_netI_over_sigmaI        9.9 
_reflns.B_iso_Wilson_estimate        ? 
_reflns.pdbx_redundancy              12.9 
_reflns.R_free_details               ? 
_reflns.pdbx_chi_squared             ? 
_reflns.pdbx_scaling_rejects         ? 
_reflns.pdbx_diffrn_id               1 
_reflns.pdbx_ordinal                 1 
# 
_reflns_shell.d_res_high             1.75 
_reflns_shell.d_res_low              1.81 
_reflns_shell.percent_possible_all   98.9 
_reflns_shell.Rmerge_I_obs           0.22 
_reflns_shell.pdbx_Rsym_value        ? 
_reflns_shell.meanI_over_sigI_obs    9.9 
_reflns_shell.pdbx_redundancy        12.7 
_reflns_shell.percent_possible_obs   ? 
_reflns_shell.number_unique_all      638 
_reflns_shell.number_measured_all    ? 
_reflns_shell.number_measured_obs    ? 
_reflns_shell.number_unique_obs      ? 
_reflns_shell.pdbx_chi_squared       ? 
_reflns_shell.pdbx_diffrn_id         ? 
_reflns_shell.pdbx_ordinal           1 
# 
_refine.entry_id                                 2H9S 
_refine.ls_d_res_high                            1.75 
_refine.ls_d_res_low                             20.0 
_refine.pdbx_ls_sigma_F                          0.0 
_refine.pdbx_ls_sigma_I                          ? 
_refine.ls_number_reflns_all                     6688 
_refine.ls_number_reflns_obs                     6652 
_refine.ls_number_reflns_R_free                  658 
_refine.ls_percent_reflns_obs                    99.5 
_refine.ls_R_factor_all                          ? 
_refine.ls_R_factor_obs                          0.24 
_refine.ls_R_factor_R_work                       0.24 
_refine.ls_R_factor_R_free                       0.28 
_refine.ls_redundancy_reflns_obs                 ? 
_refine.pdbx_data_cutoff_high_absF               ? 
_refine.pdbx_data_cutoff_low_absF                ? 
_refine.ls_number_parameters                     ? 
_refine.ls_number_restraints                     ? 
_refine.ls_percent_reflns_R_free                 ? 
_refine.ls_R_factor_R_free_error                 ? 
_refine.ls_R_factor_R_free_error_details         ? 
_refine.pdbx_method_to_determine_struct          MAD 
_refine.pdbx_starting_model                      ? 
_refine.pdbx_ls_cross_valid_method               THROUGHOUT 
_refine.pdbx_R_Free_selection_details            Random 
_refine.pdbx_stereochem_target_val_spec_case     ? 
_refine.pdbx_stereochemistry_target_values       'Engh & Huber' 
_refine.solvent_model_details                    ? 
_refine.solvent_model_param_bsol                 ? 
_refine.solvent_model_param_ksol                 ? 
_refine.occupancy_max                            ? 
_refine.occupancy_min                            ? 
_refine.pdbx_isotropic_thermal_model             Anisotropic 
_refine.B_iso_mean                               ? 
_refine.aniso_B[1][1]                            ? 
_refine.aniso_B[1][2]                            ? 
_refine.aniso_B[1][3]                            ? 
_refine.aniso_B[2][2]                            ? 
_refine.aniso_B[2][3]                            ? 
_refine.aniso_B[3][3]                            ? 
_refine.details                                  ? 
_refine.correlation_coeff_Fo_to_Fc               ? 
_refine.correlation_coeff_Fo_to_Fc_free          ? 
_refine.pdbx_solvent_vdw_probe_radii             ? 
_refine.pdbx_solvent_ion_probe_radii             ? 
_refine.pdbx_solvent_shrinkage_radii             ? 
_refine.overall_SU_R_Cruickshank_DPI             ? 
_refine.overall_SU_R_free                        ? 
_refine.overall_SU_ML                            ? 
_refine.overall_SU_B                             ? 
_refine.pdbx_overall_ESU_R_Free                  ? 
_refine.pdbx_data_cutoff_high_rms_absF           ? 
_refine.pdbx_overall_ESU_R                       ? 
_refine.ls_wR_factor_R_free                      ? 
_refine.ls_wR_factor_R_work                      ? 
_refine.overall_FOM_free_R_set                   ? 
_refine.overall_FOM_work_R_set                   ? 
_refine.pdbx_refine_id                           'X-RAY DIFFRACTION' 
_refine.pdbx_diffrn_id                           1 
_refine.pdbx_TLS_residual_ADP_flag               ? 
_refine.pdbx_overall_phase_error                 ? 
_refine.pdbx_overall_SU_R_free_Cruickshank_DPI   ? 
_refine.pdbx_overall_SU_R_Blow_DPI               ? 
_refine.pdbx_overall_SU_R_free_Blow_DPI          ? 
# 
_refine_hist.pdbx_refine_id                   'X-RAY DIFFRACTION' 
_refine_hist.cycle_id                         LAST 
_refine_hist.pdbx_number_atoms_protein        0 
_refine_hist.pdbx_number_atoms_nucleic_acid   364 
_refine_hist.pdbx_number_atoms_ligand         6 
_refine_hist.number_atoms_solvent             67 
_refine_hist.number_atoms_total               437 
_refine_hist.d_res_high                       1.75 
_refine_hist.d_res_low                        20.0 
# 
loop_
_refine_ls_restr.type 
_refine_ls_restr.dev_ideal 
_refine_ls_restr.dev_ideal_target 
_refine_ls_restr.weight 
_refine_ls_restr.number 
_refine_ls_restr.pdbx_refine_id 
_refine_ls_restr.pdbx_restraint_function 
r_angle_refined_deg 1.17  ? ? ? 'X-RAY DIFFRACTION' ? 
r_bond_refined_d    0.015 ? ? ? 'X-RAY DIFFRACTION' ? 
# 
_struct.entry_id                  2H9S 
_struct.title                     
;Crystal Structure of Homo-DNA and Nature's Choice of Pentose over Hexose in the Genetic System
;
_struct.pdbx_model_details        ? 
_struct.pdbx_CASP_flag            ? 
_struct.pdbx_model_type_details   ? 
# 
_struct_keywords.entry_id        2H9S 
_struct_keywords.pdbx_keywords   DNA 
_struct_keywords.text            
;Homo-DNA, Homo-DNA crystal structure, 2', 3'-Di-deoxy-beta- D-glucopyranose, Hexose nucleic acid, Glucopyranosyl nucleic acid, Dideoxyglucopyranose Octamer, DNA
;
# 
loop_
_struct_asym.id 
_struct_asym.pdbx_blank_PDB_chainid_flag 
_struct_asym.pdbx_modified 
_struct_asym.entity_id 
_struct_asym.details 
A N N 1 ? 
B N N 1 ? 
C N N 2 ? 
D N N 3 ? 
E N N 3 ? 
# 
_struct_ref.id                         1 
_struct_ref.entity_id                  1 
_struct_ref.db_name                    PDB 
_struct_ref.db_code                    2H9S 
_struct_ref.pdbx_db_accession          2H9S 
_struct_ref.pdbx_db_isoform            ? 
_struct_ref.pdbx_seq_one_letter_code   ? 
_struct_ref.pdbx_align_begin           ? 
# 
loop_
_struct_ref_seq.align_id 
_struct_ref_seq.ref_id 
_struct_ref_seq.pdbx_PDB_id_code 
_struct_ref_seq.pdbx_strand_id 
_struct_ref_seq.seq_align_beg 
_struct_ref_seq.pdbx_seq_align_beg_ins_code 
_struct_ref_seq.seq_align_end 
_struct_ref_seq.pdbx_seq_align_end_ins_code 
_struct_ref_seq.pdbx_db_accession 
_struct_ref_seq.db_align_beg 
_struct_ref_seq.pdbx_db_align_beg_ins_code 
_struct_ref_seq.db_align_end 
_struct_ref_seq.pdbx_db_align_end_ins_code 
_struct_ref_seq.pdbx_auth_seq_align_beg 
_struct_ref_seq.pdbx_auth_seq_align_end 
1 1 2H9S A 1 ? 8 ? 2H9S 1 ? 8  ? 1 8  
2 1 2H9S B 1 ? 8 ? 2H9S 9 ? 16 ? 9 16 
# 
_pdbx_struct_assembly.id                   1 
_pdbx_struct_assembly.details              author_defined_assembly 
_pdbx_struct_assembly.method_details       ? 
_pdbx_struct_assembly.oligomeric_details   dimeric 
_pdbx_struct_assembly.oligomeric_count     2 
# 
_pdbx_struct_assembly_gen.assembly_id       1 
_pdbx_struct_assembly_gen.oper_expression   1 
_pdbx_struct_assembly_gen.asym_id_list      A,B,C,D,E 
# 
_pdbx_struct_oper_list.id                   1 
_pdbx_struct_oper_list.type                 'identity operation' 
_pdbx_struct_oper_list.name                 1_555 
_pdbx_struct_oper_list.symmetry_operation   x,y,z 
_pdbx_struct_oper_list.matrix[1][1]         1.0000000000 
_pdbx_struct_oper_list.matrix[1][2]         0.0000000000 
_pdbx_struct_oper_list.matrix[1][3]         0.0000000000 
_pdbx_struct_oper_list.vector[1]            0.0000000000 
_pdbx_struct_oper_list.matrix[2][1]         0.0000000000 
_pdbx_struct_oper_list.matrix[2][2]         1.0000000000 
_pdbx_struct_oper_list.matrix[2][3]         0.0000000000 
_pdbx_struct_oper_list.vector[2]            0.0000000000 
_pdbx_struct_oper_list.matrix[3][1]         0.0000000000 
_pdbx_struct_oper_list.matrix[3][2]         0.0000000000 
_pdbx_struct_oper_list.matrix[3][3]         1.0000000000 
_pdbx_struct_oper_list.vector[3]            0.0000000000 
# 
loop_
_struct_conn.id 
_struct_conn.conn_type_id 
_struct_conn.pdbx_leaving_atom_flag 
_struct_conn.pdbx_PDB_id 
_struct_conn.ptnr1_label_asym_id 
_struct_conn.ptnr1_label_comp_id 
_struct_conn.ptnr1_label_seq_id 
_struct_conn.ptnr1_label_atom_id 
_struct_conn.pdbx_ptnr1_label_alt_id 
_struct_conn.pdbx_ptnr1_PDB_ins_code 
_struct_conn.pdbx_ptnr1_standard_comp_id 
_struct_conn.ptnr1_symmetry 
_struct_conn.ptnr2_label_asym_id 
_struct_conn.ptnr2_label_comp_id 
_struct_conn.ptnr2_label_seq_id 
_struct_conn.ptnr2_label_atom_id 
_struct_conn.pdbx_ptnr2_label_alt_id 
_struct_conn.pdbx_ptnr2_PDB_ins_code 
_struct_conn.ptnr1_auth_asym_id 
_struct_conn.ptnr1_auth_comp_id 
_struct_conn.ptnr1_auth_seq_id 
_struct_conn.ptnr2_auth_asym_id 
_struct_conn.ptnr2_auth_comp_id 
_struct_conn.ptnr2_auth_seq_id 
_struct_conn.ptnr2_symmetry 
_struct_conn.pdbx_ptnr3_label_atom_id 
_struct_conn.pdbx_ptnr3_label_seq_id 
_struct_conn.pdbx_ptnr3_label_comp_id 
_struct_conn.pdbx_ptnr3_label_asym_id 
_struct_conn.pdbx_ptnr3_label_alt_id 
_struct_conn.pdbx_ptnr3_PDB_ins_code 
_struct_conn.details 
_struct_conn.pdbx_dist_value 
_struct_conn.pdbx_value_order 
_struct_conn.pdbx_role 
covale1  covale one ? A XCT 1 "O4'" ? ? ? 1_555 A XGU 2 P  ? ? A XCT 1   A XGU 2   1_555 ? ? ? ? ? ? ?            1.637 ? ? 
covale2  covale one ? A XGU 2 "O4'" ? ? ? 1_555 A XAD 3 P  ? ? A XGU 2   A XAD 3   1_555 ? ? ? ? ? ? ?            1.606 ? ? 
covale3  covale one ? A XAD 3 "O4'" ? ? ? 1_555 A XAD 4 P  ? ? A XAD 3   A XAD 4   1_555 ? ? ? ? ? ? ?            1.580 ? ? 
covale4  covale one ? A XAD 4 "O4'" ? ? ? 1_555 A XTH 5 P  ? ? A XAD 4   A XTH 5   1_555 ? ? ? ? ? ? ?            1.590 ? ? 
covale5  covale one ? A XTH 5 "O4'" ? ? ? 1_555 A XTH 6 P  ? ? A XTH 5   A XTH 6   1_555 ? ? ? ? ? ? ?            1.592 ? ? 
covale6  covale one ? A XTH 6 "O4'" ? ? ? 1_555 A XCT 7 P  ? ? A XTH 6   A XCT 7   1_555 ? ? ? ? ? ? ?            1.584 ? ? 
covale7  covale one ? A XCT 7 "O4'" ? ? ? 1_555 A XGU 8 P  ? ? A XCT 7   A XGU 8   1_555 ? ? ? ? ? ? ?            1.579 ? ? 
covale8  covale one ? B XCT 1 "O4'" ? ? ? 1_555 B XGU 2 P  ? ? B XCT 9   B XGU 10  1_555 ? ? ? ? ? ? ?            1.572 ? ? 
covale9  covale one ? B XGU 2 "O4'" ? ? ? 1_555 B XAD 3 P  ? ? B XGU 10  B XAD 11  1_555 ? ? ? ? ? ? ?            1.579 ? ? 
covale10 covale one ? B XAD 3 "O4'" ? ? ? 1_555 B XAD 4 P  ? ? B XAD 11  B XAD 12  1_555 ? ? ? ? ? ? ?            1.569 ? ? 
covale11 covale one ? B XAD 4 "O4'" ? ? ? 1_555 B XTH 5 P  ? ? B XAD 12  B XTH 13  1_555 ? ? ? ? ? ? ?            1.589 ? ? 
covale12 covale one ? B XTH 5 "O4'" A ? ? 1_555 B XTH 6 P  A ? B XTH 13  B XTH 14  1_555 ? ? ? ? ? ? ?            1.599 ? ? 
covale13 covale one ? B XTH 5 "O4'" B ? ? 1_555 B XTH 6 P  B ? B XTH 13  B XTH 14  1_555 ? ? ? ? ? ? ?            1.606 ? ? 
covale14 covale one ? B XTH 6 "O4'" A ? ? 1_555 B XCT 7 P  A ? B XTH 14  B XCT 15  1_555 ? ? ? ? ? ? ?            1.586 ? ? 
covale15 covale one ? B XTH 6 "O4'" B ? ? 1_555 B XCT 7 P  B ? B XTH 14  B XCT 15  1_555 ? ? ? ? ? ? ?            1.591 ? ? 
covale16 covale one ? B XCT 7 "O4'" ? ? ? 1_555 B XGU 8 P  ? ? B XCT 15  B XGU 16  1_555 ? ? ? ? ? ? ?            1.603 ? ? 
metalc1  metalc ?   ? A XGU 2 OP1   ? ? ? 1_555 C MG  . MG ? ? A XGU 2   A MG  200 1_555 ? ? ? ? ? ? ?            2.103 ? ? 
metalc2  metalc ?   ? C MG  . MG    ? ? ? 1_555 D HOH . O  ? ? A MG  200 A HOH 201 1_555 ? ? ? ? ? ? ?            2.102 ? ? 
metalc3  metalc ?   ? C MG  . MG    ? ? ? 1_555 D HOH . O  ? ? A MG  200 A HOH 202 1_555 ? ? ? ? ? ? ?            2.091 ? ? 
metalc4  metalc ?   ? C MG  . MG    ? ? ? 1_555 D HOH . O  ? ? A MG  200 A HOH 203 1_555 ? ? ? ? ? ? ?            2.086 ? ? 
metalc5  metalc ?   ? C MG  . MG    ? ? ? 1_555 D HOH . O  ? ? A MG  200 A HOH 204 1_555 ? ? ? ? ? ? ?            2.029 ? ? 
metalc6  metalc ?   ? C MG  . MG    ? ? ? 1_555 D HOH . O  ? ? A MG  200 A HOH 205 1_555 ? ? ? ? ? ? ?            2.106 ? ? 
hydrog1  hydrog ?   ? A XCT 1 N3    ? ? ? 1_555 B XGU 8 N1 ? ? A XCT 1   B XGU 16  1_555 ? ? ? ? ? ? WATSON-CRICK ?     ? ? 
hydrog2  hydrog ?   ? A XCT 1 N4    ? ? ? 1_555 B XGU 8 O6 ? ? A XCT 1   B XGU 16  1_555 ? ? ? ? ? ? WATSON-CRICK ?     ? ? 
hydrog3  hydrog ?   ? A XCT 1 O2    ? ? ? 1_555 B XGU 8 N2 ? ? A XCT 1   B XGU 16  1_555 ? ? ? ? ? ? WATSON-CRICK ?     ? ? 
hydrog4  hydrog ?   ? A XGU 2 N1    ? ? ? 1_555 B XCT 7 N3 ? ? A XGU 2   B XCT 15  1_555 ? ? ? ? ? ? WATSON-CRICK ?     ? ? 
hydrog5  hydrog ?   ? A XGU 2 N2    ? ? ? 1_555 B XCT 7 O2 ? ? A XGU 2   B XCT 15  1_555 ? ? ? ? ? ? WATSON-CRICK ?     ? ? 
hydrog6  hydrog ?   ? A XGU 2 O6    ? ? ? 1_555 B XCT 7 N4 ? ? A XGU 2   B XCT 15  1_555 ? ? ? ? ? ? WATSON-CRICK ?     ? ? 
hydrog7  hydrog ?   ? A XAD 4 N1    ? ? ? 1_555 B XTH 5 N3 ? ? A XAD 4   B XTH 13  1_555 ? ? ? ? ? ? WATSON-CRICK ?     ? ? 
hydrog8  hydrog ?   ? A XAD 4 N6    ? ? ? 1_555 B XTH 5 O4 ? ? A XAD 4   B XTH 13  1_555 ? ? ? ? ? ? WATSON-CRICK ?     ? ? 
hydrog9  hydrog ?   ? A XTH 5 N3    ? ? ? 1_555 B XAD 4 N1 ? ? A XTH 5   B XAD 12  1_555 ? ? ? ? ? ? WATSON-CRICK ?     ? ? 
hydrog10 hydrog ?   ? A XTH 5 O4    ? ? ? 1_555 B XAD 4 N6 ? ? A XTH 5   B XAD 12  1_555 ? ? ? ? ? ? WATSON-CRICK ?     ? ? 
hydrog11 hydrog ?   ? A XCT 7 N3    ? ? ? 1_555 B XGU 2 N1 ? ? A XCT 7   B XGU 10  1_555 ? ? ? ? ? ? WATSON-CRICK ?     ? ? 
hydrog12 hydrog ?   ? A XCT 7 N4    ? ? ? 1_555 B XGU 2 O6 ? ? A XCT 7   B XGU 10  1_555 ? ? ? ? ? ? WATSON-CRICK ?     ? ? 
hydrog13 hydrog ?   ? A XCT 7 O2    ? ? ? 1_555 B XGU 2 N2 ? ? A XCT 7   B XGU 10  1_555 ? ? ? ? ? ? WATSON-CRICK ?     ? ? 
hydrog14 hydrog ?   ? A XGU 8 N1    ? ? ? 1_555 B XCT 1 N3 ? ? A XGU 8   B XCT 9   1_555 ? ? ? ? ? ? WATSON-CRICK ?     ? ? 
hydrog15 hydrog ?   ? A XGU 8 N2    ? ? ? 1_555 B XCT 1 O2 ? ? A XGU 8   B XCT 9   1_555 ? ? ? ? ? ? WATSON-CRICK ?     ? ? 
hydrog16 hydrog ?   ? A XGU 8 O6    ? ? ? 1_555 B XCT 1 N4 ? ? A XGU 8   B XCT 9   1_555 ? ? ? ? ? ? WATSON-CRICK ?     ? ? 
# 
loop_
_struct_conn_type.id 
_struct_conn_type.criteria 
_struct_conn_type.reference 
covale ? ? 
metalc ? ? 
hydrog ? ? 
# 
loop_
_pdbx_struct_conn_angle.id 
_pdbx_struct_conn_angle.ptnr1_label_atom_id 
_pdbx_struct_conn_angle.ptnr1_label_alt_id 
_pdbx_struct_conn_angle.ptnr1_label_asym_id 
_pdbx_struct_conn_angle.ptnr1_label_comp_id 
_pdbx_struct_conn_angle.ptnr1_label_seq_id 
_pdbx_struct_conn_angle.ptnr1_auth_atom_id 
_pdbx_struct_conn_angle.ptnr1_auth_asym_id 
_pdbx_struct_conn_angle.ptnr1_auth_comp_id 
_pdbx_struct_conn_angle.ptnr1_auth_seq_id 
_pdbx_struct_conn_angle.ptnr1_PDB_ins_code 
_pdbx_struct_conn_angle.ptnr1_symmetry 
_pdbx_struct_conn_angle.ptnr2_label_atom_id 
_pdbx_struct_conn_angle.ptnr2_label_alt_id 
_pdbx_struct_conn_angle.ptnr2_label_asym_id 
_pdbx_struct_conn_angle.ptnr2_label_comp_id 
_pdbx_struct_conn_angle.ptnr2_label_seq_id 
_pdbx_struct_conn_angle.ptnr2_auth_atom_id 
_pdbx_struct_conn_angle.ptnr2_auth_asym_id 
_pdbx_struct_conn_angle.ptnr2_auth_comp_id 
_pdbx_struct_conn_angle.ptnr2_auth_seq_id 
_pdbx_struct_conn_angle.ptnr2_PDB_ins_code 
_pdbx_struct_conn_angle.ptnr2_symmetry 
_pdbx_struct_conn_angle.ptnr3_label_atom_id 
_pdbx_struct_conn_angle.ptnr3_label_alt_id 
_pdbx_struct_conn_angle.ptnr3_label_asym_id 
_pdbx_struct_conn_angle.ptnr3_label_comp_id 
_pdbx_struct_conn_angle.ptnr3_label_seq_id 
_pdbx_struct_conn_angle.ptnr3_auth_atom_id 
_pdbx_struct_conn_angle.ptnr3_auth_asym_id 
_pdbx_struct_conn_angle.ptnr3_auth_comp_id 
_pdbx_struct_conn_angle.ptnr3_auth_seq_id 
_pdbx_struct_conn_angle.ptnr3_PDB_ins_code 
_pdbx_struct_conn_angle.ptnr3_symmetry 
_pdbx_struct_conn_angle.value 
_pdbx_struct_conn_angle.value_esd 
1  OP1 ? A XGU 2 ? A XGU 2   ? 1_555 MG ? C MG . ? A MG 200 ? 1_555 O ? D HOH . ? A HOH 201 ? 1_555 90.8  ? 
2  OP1 ? A XGU 2 ? A XGU 2   ? 1_555 MG ? C MG . ? A MG 200 ? 1_555 O ? D HOH . ? A HOH 202 ? 1_555 88.1  ? 
3  O   ? D HOH . ? A HOH 201 ? 1_555 MG ? C MG . ? A MG 200 ? 1_555 O ? D HOH . ? A HOH 202 ? 1_555 89.4  ? 
4  OP1 ? A XGU 2 ? A XGU 2   ? 1_555 MG ? C MG . ? A MG 200 ? 1_555 O ? D HOH . ? A HOH 203 ? 1_555 90.4  ? 
5  O   ? D HOH . ? A HOH 201 ? 1_555 MG ? C MG . ? A MG 200 ? 1_555 O ? D HOH . ? A HOH 203 ? 1_555 178.1 ? 
6  O   ? D HOH . ? A HOH 202 ? 1_555 MG ? C MG . ? A MG 200 ? 1_555 O ? D HOH . ? A HOH 203 ? 1_555 89.2  ? 
7  OP1 ? A XGU 2 ? A XGU 2   ? 1_555 MG ? C MG . ? A MG 200 ? 1_555 O ? D HOH . ? A HOH 204 ? 1_555 91.8  ? 
8  O   ? D HOH . ? A HOH 201 ? 1_555 MG ? C MG . ? A MG 200 ? 1_555 O ? D HOH . ? A HOH 204 ? 1_555 91.3  ? 
9  O   ? D HOH . ? A HOH 202 ? 1_555 MG ? C MG . ? A MG 200 ? 1_555 O ? D HOH . ? A HOH 204 ? 1_555 179.4 ? 
10 O   ? D HOH . ? A HOH 203 ? 1_555 MG ? C MG . ? A MG 200 ? 1_555 O ? D HOH . ? A HOH 204 ? 1_555 90.1  ? 
11 OP1 ? A XGU 2 ? A XGU 2   ? 1_555 MG ? C MG . ? A MG 200 ? 1_555 O ? D HOH . ? A HOH 205 ? 1_555 177.7 ? 
12 O   ? D HOH . ? A HOH 201 ? 1_555 MG ? C MG . ? A MG 200 ? 1_555 O ? D HOH . ? A HOH 205 ? 1_555 88.0  ? 
13 O   ? D HOH . ? A HOH 202 ? 1_555 MG ? C MG . ? A MG 200 ? 1_555 O ? D HOH . ? A HOH 205 ? 1_555 90.0  ? 
14 O   ? D HOH . ? A HOH 203 ? 1_555 MG ? C MG . ? A MG 200 ? 1_555 O ? D HOH . ? A HOH 205 ? 1_555 90.7  ? 
15 O   ? D HOH . ? A HOH 204 ? 1_555 MG ? C MG . ? A MG 200 ? 1_555 O ? D HOH . ? A HOH 205 ? 1_555 90.1  ? 
# 
_struct_site.id                   AC1 
_struct_site.pdbx_evidence_code   Software 
_struct_site.pdbx_auth_asym_id    A 
_struct_site.pdbx_auth_comp_id    MG 
_struct_site.pdbx_auth_seq_id     200 
_struct_site.pdbx_auth_ins_code   ? 
_struct_site.pdbx_num_residues    8 
_struct_site.details              'BINDING SITE FOR RESIDUE MG A 200' 
# 
loop_
_struct_site_gen.id 
_struct_site_gen.site_id 
_struct_site_gen.pdbx_num_res 
_struct_site_gen.label_comp_id 
_struct_site_gen.label_asym_id 
_struct_site_gen.label_seq_id 
_struct_site_gen.pdbx_auth_ins_code 
_struct_site_gen.auth_comp_id 
_struct_site_gen.auth_asym_id 
_struct_site_gen.auth_seq_id 
_struct_site_gen.label_atom_id 
_struct_site_gen.label_alt_id 
_struct_site_gen.symmetry 
_struct_site_gen.details 
1 AC1 8 XGU A 2 ? XGU A 2   . ? 1_555  ? 
2 AC1 8 HOH D . ? HOH A 202 . ? 1_555  ? 
3 AC1 8 HOH D . ? HOH A 202 . ? 12_565 ? 
4 AC1 8 HOH D . ? HOH A 203 . ? 12_565 ? 
5 AC1 8 HOH D . ? HOH A 203 . ? 1_555  ? 
6 AC1 8 HOH D . ? HOH A 204 . ? 1_555  ? 
7 AC1 8 HOH D . ? HOH A 205 . ? 12_565 ? 
8 AC1 8 HOH D . ? HOH A 205 . ? 1_555  ? 
# 
loop_
_pdbx_struct_mod_residue.id 
_pdbx_struct_mod_residue.label_asym_id 
_pdbx_struct_mod_residue.label_comp_id 
_pdbx_struct_mod_residue.label_seq_id 
_pdbx_struct_mod_residue.auth_asym_id 
_pdbx_struct_mod_residue.auth_comp_id 
_pdbx_struct_mod_residue.auth_seq_id 
_pdbx_struct_mod_residue.PDB_ins_code 
_pdbx_struct_mod_residue.parent_comp_id 
_pdbx_struct_mod_residue.details 
1  A XCT 1 A XCT 1  ? DC ? 
2  A XGU 2 A XGU 2  ? DG ? 
3  A XAD 3 A XAD 3  ? DA ? 
4  A XAD 4 A XAD 4  ? DA ? 
5  A XTH 5 A XTH 5  ? DT ? 
6  A XTH 6 A XTH 6  ? DT ? 
7  A XCT 7 A XCT 7  ? DC ? 
8  A XGU 8 A XGU 8  ? DG ? 
9  B XCT 1 B XCT 9  ? DC ? 
10 B XGU 2 B XGU 10 ? DG ? 
11 B XAD 3 B XAD 11 ? DA ? 
12 B XAD 4 B XAD 12 ? DA ? 
13 B XTH 5 B XTH 13 ? DT ? 
14 B XTH 6 B XTH 14 ? DT ? 
15 B XCT 7 B XCT 15 ? DC ? 
16 B XGU 8 B XGU 16 ? DG ? 
# 
loop_
_pdbx_struct_special_symmetry.id 
_pdbx_struct_special_symmetry.PDB_model_num 
_pdbx_struct_special_symmetry.auth_asym_id 
_pdbx_struct_special_symmetry.auth_comp_id 
_pdbx_struct_special_symmetry.auth_seq_id 
_pdbx_struct_special_symmetry.PDB_ins_code 
_pdbx_struct_special_symmetry.label_asym_id 
_pdbx_struct_special_symmetry.label_comp_id 
_pdbx_struct_special_symmetry.label_seq_id 
1 1 A HOH 216 ? D HOH . 
2 1 B HOH 53  ? E HOH . 
3 1 B HOH 58  ? E HOH . 
# 
_pdbx_unobs_or_zero_occ_residues.id               1 
_pdbx_unobs_or_zero_occ_residues.PDB_model_num    1 
_pdbx_unobs_or_zero_occ_residues.polymer_flag     N 
_pdbx_unobs_or_zero_occ_residues.occupancy_flag   0 
_pdbx_unobs_or_zero_occ_residues.auth_asym_id     A 
_pdbx_unobs_or_zero_occ_residues.auth_comp_id     HOH 
_pdbx_unobs_or_zero_occ_residues.auth_seq_id      201 
_pdbx_unobs_or_zero_occ_residues.PDB_ins_code     ? 
_pdbx_unobs_or_zero_occ_residues.label_asym_id    D 
_pdbx_unobs_or_zero_occ_residues.label_comp_id    HOH 
_pdbx_unobs_or_zero_occ_residues.label_seq_id     ? 
# 
loop_
_chem_comp_atom.comp_id 
_chem_comp_atom.atom_id 
_chem_comp_atom.type_symbol 
_chem_comp_atom.pdbx_aromatic_flag 
_chem_comp_atom.pdbx_stereo_config 
_chem_comp_atom.pdbx_ordinal 
HOH O      O  N N 1   
HOH H1     H  N N 2   
HOH H2     H  N N 3   
MG  MG     MG N N 4   
XAD OP3    O  N N 5   
XAD P      P  N N 6   
XAD OP1    O  N N 7   
XAD OP2    O  N N 8   
XAD "O6'"  O  N N 9   
XAD "C6'"  C  N N 10  
XAD "C5'"  C  N R 11  
XAD "C4'"  C  N S 12  
XAD "O4'"  O  N N 13  
XAD "C3'"  C  N N 14  
XAD "C2'"  C  N N 15  
XAD "C1'"  C  N R 16  
XAD "O5'"  O  N N 17  
XAD N9     N  Y N 18  
XAD C8     C  Y N 19  
XAD N7     N  Y N 20  
XAD C5     C  Y N 21  
XAD C4     C  Y N 22  
XAD C6     C  Y N 23  
XAD N6     N  N N 24  
XAD N1     N  Y N 25  
XAD C2     C  Y N 26  
XAD N3     N  Y N 27  
XAD HOP3   H  N N 28  
XAD HOP2   H  N N 29  
XAD "H6'1" H  N N 30  
XAD "H6'2" H  N N 31  
XAD "H5'"  H  N N 32  
XAD "H4'"  H  N N 33  
XAD "H4T'" H  N N 34  
XAD "H3'1" H  N N 35  
XAD "H3'2" H  N N 36  
XAD "H2'1" H  N N 37  
XAD "H2'2" H  N N 38  
XAD "H1'"  H  N N 39  
XAD H8     H  N N 40  
XAD HN61   H  N N 41  
XAD HN62   H  N N 42  
XAD H2     H  N N 43  
XCT OP3    O  N N 44  
XCT P      P  N N 45  
XCT OP1    O  N N 46  
XCT OP2    O  N N 47  
XCT "O6'"  O  N N 48  
XCT "C6'"  C  N N 49  
XCT "C5'"  C  N R 50  
XCT "O5'"  O  N N 51  
XCT "C4'"  C  N S 52  
XCT "O4'"  O  N N 53  
XCT "C3'"  C  N N 54  
XCT "C2'"  C  N N 55  
XCT "C1'"  C  N R 56  
XCT N1     N  N N 57  
XCT C2     C  N N 58  
XCT O2     O  N N 59  
XCT C6     C  N N 60  
XCT C5     C  N N 61  
XCT C4     C  N N 62  
XCT N3     N  N N 63  
XCT N4     N  N N 64  
XCT HOP3   H  N N 65  
XCT HOP2   H  N N 66  
XCT "H6'1" H  N N 67  
XCT "H6'2" H  N N 68  
XCT "H5'"  H  N N 69  
XCT "H4'"  H  N N 70  
XCT H4T    H  N N 71  
XCT "H3'1" H  N N 72  
XCT "H3'2" H  N N 73  
XCT "H2'1" H  N N 74  
XCT "H2'2" H  N N 75  
XCT "H1'"  H  N N 76  
XCT H6     H  N N 77  
XCT H5     H  N N 78  
XCT HN41   H  N N 79  
XCT HN42   H  N N 80  
XGU OP3    O  N N 81  
XGU P      P  N N 82  
XGU OP1    O  N N 83  
XGU OP2    O  N N 84  
XGU "O6'"  O  N N 85  
XGU "C6'"  C  N N 86  
XGU "C5'"  C  N R 87  
XGU "O5'"  O  N N 88  
XGU "C4'"  C  N S 89  
XGU "O4'"  O  N N 90  
XGU "C3'"  C  N N 91  
XGU "C2'"  C  N N 92  
XGU "C1'"  C  N R 93  
XGU N9     N  Y N 94  
XGU C8     C  Y N 95  
XGU N7     N  Y N 96  
XGU C4     C  Y N 97  
XGU C5     C  Y N 98  
XGU N3     N  N N 99  
XGU C2     C  N N 100 
XGU N2     N  N N 101 
XGU N1     N  N N 102 
XGU C6     C  N N 103 
XGU O6     O  N N 104 
XGU HOP3   H  N N 105 
XGU HOP2   H  N N 106 
XGU "H6'1" H  N N 107 
XGU "H6'2" H  N N 108 
XGU "H5'"  H  N N 109 
XGU "H4'"  H  N N 110 
XGU "H4T'" H  N N 111 
XGU "H3'1" H  N N 112 
XGU "H3'2" H  N N 113 
XGU "H2'1" H  N N 114 
XGU "H2'2" H  N N 115 
XGU "H1'"  H  N N 116 
XGU H8     H  N N 117 
XGU HN21   H  N N 118 
XGU HN22   H  N N 119 
XGU HN1    H  N N 120 
XTH OP3    O  N N 121 
XTH P      P  N N 122 
XTH OP1    O  N N 123 
XTH OP2    O  N N 124 
XTH "O6'"  O  N N 125 
XTH "C6'"  C  N N 126 
XTH "C5'"  C  N R 127 
XTH "C4'"  C  N S 128 
XTH "O4'"  O  N N 129 
XTH "C3'"  C  N N 130 
XTH "C2'"  C  N N 131 
XTH "C1'"  C  N R 132 
XTH "O5'"  O  N N 133 
XTH N1     N  N N 134 
XTH C2     C  N N 135 
XTH O2     O  N N 136 
XTH N3     N  N N 137 
XTH C4     C  N N 138 
XTH O4     O  N N 139 
XTH C5     C  N N 140 
XTH C5M    C  N N 141 
XTH C6     C  N N 142 
XTH HOP3   H  N N 143 
XTH HOP2   H  N N 144 
XTH "H6'1" H  N N 145 
XTH "H6'2" H  N N 146 
XTH "H5'"  H  N N 147 
XTH "H4'"  H  N N 148 
XTH "H4T'" H  N N 149 
XTH "H3'1" H  N N 150 
XTH "H3'2" H  N N 151 
XTH "H2'1" H  N N 152 
XTH "H2'2" H  N N 153 
XTH "H1'"  H  N N 154 
XTH HN3    H  N N 155 
XTH H71    H  N N 156 
XTH H72    H  N N 157 
XTH H73    H  N N 158 
XTH H6     H  N N 159 
# 
loop_
_chem_comp_bond.comp_id 
_chem_comp_bond.atom_id_1 
_chem_comp_bond.atom_id_2 
_chem_comp_bond.value_order 
_chem_comp_bond.pdbx_aromatic_flag 
_chem_comp_bond.pdbx_stereo_config 
_chem_comp_bond.pdbx_ordinal 
HOH O     H1     sing N N 1   
HOH O     H2     sing N N 2   
XAD OP3   P      sing N N 3   
XAD OP3   HOP3   sing N N 4   
XAD P     OP1    doub N N 5   
XAD P     OP2    sing N N 6   
XAD P     "O6'"  sing N N 7   
XAD OP2   HOP2   sing N N 8   
XAD "O6'" "C6'"  sing N N 9   
XAD "C6'" "C5'"  sing N N 10  
XAD "C6'" "H6'1" sing N N 11  
XAD "C6'" "H6'2" sing N N 12  
XAD "C5'" "C4'"  sing N N 13  
XAD "C5'" "O5'"  sing N N 14  
XAD "C5'" "H5'"  sing N N 15  
XAD "C4'" "O4'"  sing N N 16  
XAD "C4'" "C3'"  sing N N 17  
XAD "C4'" "H4'"  sing N N 18  
XAD "O4'" "H4T'" sing N N 19  
XAD "C3'" "C2'"  sing N N 20  
XAD "C3'" "H3'1" sing N N 21  
XAD "C3'" "H3'2" sing N N 22  
XAD "C2'" "C1'"  sing N N 23  
XAD "C2'" "H2'1" sing N N 24  
XAD "C2'" "H2'2" sing N N 25  
XAD "C1'" "O5'"  sing N N 26  
XAD "C1'" N9     sing N N 27  
XAD "C1'" "H1'"  sing N N 28  
XAD N9    C8     sing Y N 29  
XAD N9    C4     sing Y N 30  
XAD C8    N7     doub Y N 31  
XAD C8    H8     sing N N 32  
XAD N7    C5     sing Y N 33  
XAD C5    C4     doub Y N 34  
XAD C5    C6     sing Y N 35  
XAD C4    N3     sing Y N 36  
XAD C6    N6     sing N N 37  
XAD C6    N1     doub Y N 38  
XAD N6    HN61   sing N N 39  
XAD N6    HN62   sing N N 40  
XAD N1    C2     sing Y N 41  
XAD C2    N3     doub Y N 42  
XAD C2    H2     sing N N 43  
XCT OP3   P      sing N N 44  
XCT OP3   HOP3   sing N N 45  
XCT P     OP1    doub N N 46  
XCT P     OP2    sing N N 47  
XCT P     "O6'"  sing N N 48  
XCT OP2   HOP2   sing N N 49  
XCT "O6'" "C6'"  sing N N 50  
XCT "C6'" "C5'"  sing N N 51  
XCT "C6'" "H6'1" sing N N 52  
XCT "C6'" "H6'2" sing N N 53  
XCT "C5'" "O5'"  sing N N 54  
XCT "C5'" "C4'"  sing N N 55  
XCT "C5'" "H5'"  sing N N 56  
XCT "O5'" "C1'"  sing N N 57  
XCT "C4'" "O4'"  sing N N 58  
XCT "C4'" "C3'"  sing N N 59  
XCT "C4'" "H4'"  sing N N 60  
XCT "O4'" H4T    sing N N 61  
XCT "C3'" "C2'"  sing N N 62  
XCT "C3'" "H3'1" sing N N 63  
XCT "C3'" "H3'2" sing N N 64  
XCT "C2'" "C1'"  sing N N 65  
XCT "C2'" "H2'1" sing N N 66  
XCT "C2'" "H2'2" sing N N 67  
XCT "C1'" N1     sing N N 68  
XCT "C1'" "H1'"  sing N N 69  
XCT N1    C2     sing N N 70  
XCT N1    C6     sing N N 71  
XCT C2    O2     doub N N 72  
XCT C2    N3     sing N N 73  
XCT C6    C5     doub N N 74  
XCT C6    H6     sing N N 75  
XCT C5    C4     sing N N 76  
XCT C5    H5     sing N N 77  
XCT C4    N3     doub N N 78  
XCT C4    N4     sing N N 79  
XCT N4    HN41   sing N N 80  
XCT N4    HN42   sing N N 81  
XGU OP3   P      sing N N 82  
XGU OP3   HOP3   sing N N 83  
XGU P     OP1    doub N N 84  
XGU P     OP2    sing N N 85  
XGU P     "O6'"  sing N N 86  
XGU OP2   HOP2   sing N N 87  
XGU "O6'" "C6'"  sing N N 88  
XGU "C6'" "C5'"  sing N N 89  
XGU "C6'" "H6'1" sing N N 90  
XGU "C6'" "H6'2" sing N N 91  
XGU "C5'" "O5'"  sing N N 92  
XGU "C5'" "C4'"  sing N N 93  
XGU "C5'" "H5'"  sing N N 94  
XGU "O5'" "C1'"  sing N N 95  
XGU "C4'" "O4'"  sing N N 96  
XGU "C4'" "C3'"  sing N N 97  
XGU "C4'" "H4'"  sing N N 98  
XGU "O4'" "H4T'" sing N N 99  
XGU "C3'" "C2'"  sing N N 100 
XGU "C3'" "H3'1" sing N N 101 
XGU "C3'" "H3'2" sing N N 102 
XGU "C2'" "C1'"  sing N N 103 
XGU "C2'" "H2'1" sing N N 104 
XGU "C2'" "H2'2" sing N N 105 
XGU "C1'" N9     sing N N 106 
XGU "C1'" "H1'"  sing N N 107 
XGU N9    C8     sing Y N 108 
XGU N9    C4     sing Y N 109 
XGU C8    N7     doub Y N 110 
XGU C8    H8     sing N N 111 
XGU N7    C5     sing Y N 112 
XGU C4    C5     doub Y N 113 
XGU C4    N3     sing N N 114 
XGU C5    C6     sing N N 115 
XGU N3    C2     doub N N 116 
XGU C2    N2     sing N N 117 
XGU C2    N1     sing N N 118 
XGU N2    HN21   sing N N 119 
XGU N2    HN22   sing N N 120 
XGU N1    C6     sing N N 121 
XGU N1    HN1    sing N N 122 
XGU C6    O6     doub N N 123 
XTH OP3   P      sing N N 124 
XTH OP3   HOP3   sing N N 125 
XTH P     OP1    doub N N 126 
XTH P     OP2    sing N N 127 
XTH P     "O6'"  sing N N 128 
XTH OP2   HOP2   sing N N 129 
XTH "O6'" "C6'"  sing N N 130 
XTH "C6'" "C5'"  sing N N 131 
XTH "C6'" "H6'1" sing N N 132 
XTH "C6'" "H6'2" sing N N 133 
XTH "C5'" "C4'"  sing N N 134 
XTH "C5'" "O5'"  sing N N 135 
XTH "C5'" "H5'"  sing N N 136 
XTH "C4'" "O4'"  sing N N 137 
XTH "C4'" "C3'"  sing N N 138 
XTH "C4'" "H4'"  sing N N 139 
XTH "O4'" "H4T'" sing N N 140 
XTH "C3'" "C2'"  sing N N 141 
XTH "C3'" "H3'1" sing N N 142 
XTH "C3'" "H3'2" sing N N 143 
XTH "C2'" "C1'"  sing N N 144 
XTH "C2'" "H2'1" sing N N 145 
XTH "C2'" "H2'2" sing N N 146 
XTH "C1'" "O5'"  sing N N 147 
XTH "C1'" N1     sing N N 148 
XTH "C1'" "H1'"  sing N N 149 
XTH N1    C2     sing N N 150 
XTH N1    C6     sing N N 151 
XTH C2    O2     doub N N 152 
XTH C2    N3     sing N N 153 
XTH N3    C4     sing N N 154 
XTH N3    HN3    sing N N 155 
XTH C4    O4     doub N N 156 
XTH C4    C5     sing N N 157 
XTH C5    C5M    sing N N 158 
XTH C5    C6     doub N N 159 
XTH C5M   H71    sing N N 160 
XTH C5M   H72    sing N N 161 
XTH C5M   H73    sing N N 162 
XTH C6    H6     sing N N 163 
# 
loop_
_ndb_struct_conf_na.entry_id 
_ndb_struct_conf_na.feature 
2H9S 'double helix'         
2H9S 'mismatched base pair' 
# 
loop_
_ndb_struct_na_base_pair.model_number 
_ndb_struct_na_base_pair.i_label_asym_id 
_ndb_struct_na_base_pair.i_label_comp_id 
_ndb_struct_na_base_pair.i_label_seq_id 
_ndb_struct_na_base_pair.i_symmetry 
_ndb_struct_na_base_pair.j_label_asym_id 
_ndb_struct_na_base_pair.j_label_comp_id 
_ndb_struct_na_base_pair.j_label_seq_id 
_ndb_struct_na_base_pair.j_symmetry 
_ndb_struct_na_base_pair.shear 
_ndb_struct_na_base_pair.stretch 
_ndb_struct_na_base_pair.stagger 
_ndb_struct_na_base_pair.buckle 
_ndb_struct_na_base_pair.propeller 
_ndb_struct_na_base_pair.opening 
_ndb_struct_na_base_pair.pair_number 
_ndb_struct_na_base_pair.pair_name 
_ndb_struct_na_base_pair.i_auth_asym_id 
_ndb_struct_na_base_pair.i_auth_seq_id 
_ndb_struct_na_base_pair.i_PDB_ins_code 
_ndb_struct_na_base_pair.j_auth_asym_id 
_ndb_struct_na_base_pair.j_auth_seq_id 
_ndb_struct_na_base_pair.j_PDB_ins_code 
_ndb_struct_na_base_pair.hbond_type_28 
_ndb_struct_na_base_pair.hbond_type_12 
1 A XCT 1 1_555 B XGU 8 1_555 0.520  -0.200 0.146 2.149   4.620   -3.220 1 A_XCT1:XGU16_B A 1 ? B 16 ? 19 1 
1 A XGU 2 1_555 B XCT 7 1_555 -0.222 -0.107 0.348 -2.980  3.771   -2.761 2 A_XGU2:XCT15_B A 2 ? B 15 ? 19 1 
1 A XAD 4 1_555 B XTH 5 1_555 -0.047 0.012  0.286 6.443   4.458   -0.911 3 A_XAD4:XTH13_B A 4 ? B 13 ? 20 1 
1 A XTH 5 1_555 B XAD 4 1_555 -0.156 0.037  0.223 -6.712  4.865   -0.775 4 A_XTH5:XAD12_B A 5 ? B 12 ? 20 1 
1 A XCT 7 1_555 B XGU 2 1_555 0.363  -0.271 0.150 11.777  9.527   -1.166 5 A_XCT7:XGU10_B A 7 ? B 10 ? 19 1 
1 A XGU 8 1_555 B XCT 1 1_555 -0.255 -0.149 0.061 -12.763 -16.833 -3.761 6 A_XGU8:XCT9_B  A 8 ? B 9  ? 19 1 
# 
loop_
_ndb_struct_na_base_pair_step.model_number 
_ndb_struct_na_base_pair_step.i_label_asym_id_1 
_ndb_struct_na_base_pair_step.i_label_comp_id_1 
_ndb_struct_na_base_pair_step.i_label_seq_id_1 
_ndb_struct_na_base_pair_step.i_symmetry_1 
_ndb_struct_na_base_pair_step.j_label_asym_id_1 
_ndb_struct_na_base_pair_step.j_label_comp_id_1 
_ndb_struct_na_base_pair_step.j_label_seq_id_1 
_ndb_struct_na_base_pair_step.j_symmetry_1 
_ndb_struct_na_base_pair_step.i_label_asym_id_2 
_ndb_struct_na_base_pair_step.i_label_comp_id_2 
_ndb_struct_na_base_pair_step.i_label_seq_id_2 
_ndb_struct_na_base_pair_step.i_symmetry_2 
_ndb_struct_na_base_pair_step.j_label_asym_id_2 
_ndb_struct_na_base_pair_step.j_label_comp_id_2 
_ndb_struct_na_base_pair_step.j_label_seq_id_2 
_ndb_struct_na_base_pair_step.j_symmetry_2 
_ndb_struct_na_base_pair_step.shift 
_ndb_struct_na_base_pair_step.slide 
_ndb_struct_na_base_pair_step.rise 
_ndb_struct_na_base_pair_step.tilt 
_ndb_struct_na_base_pair_step.roll 
_ndb_struct_na_base_pair_step.twist 
_ndb_struct_na_base_pair_step.x_displacement 
_ndb_struct_na_base_pair_step.y_displacement 
_ndb_struct_na_base_pair_step.helical_rise 
_ndb_struct_na_base_pair_step.inclination 
_ndb_struct_na_base_pair_step.tip 
_ndb_struct_na_base_pair_step.helical_twist 
_ndb_struct_na_base_pair_step.step_number 
_ndb_struct_na_base_pair_step.step_name 
_ndb_struct_na_base_pair_step.i_auth_asym_id_1 
_ndb_struct_na_base_pair_step.i_auth_seq_id_1 
_ndb_struct_na_base_pair_step.i_PDB_ins_code_1 
_ndb_struct_na_base_pair_step.j_auth_asym_id_1 
_ndb_struct_na_base_pair_step.j_auth_seq_id_1 
_ndb_struct_na_base_pair_step.j_PDB_ins_code_1 
_ndb_struct_na_base_pair_step.i_auth_asym_id_2 
_ndb_struct_na_base_pair_step.i_auth_seq_id_2 
_ndb_struct_na_base_pair_step.i_PDB_ins_code_2 
_ndb_struct_na_base_pair_step.j_auth_asym_id_2 
_ndb_struct_na_base_pair_step.j_auth_seq_id_2 
_ndb_struct_na_base_pair_step.j_PDB_ins_code_2 
1 A XCT 1 1_555 B XGU 8 1_555 A XGU 2 1_555 B XCT 7 1_555 0.045  5.188 3.930 -0.527 17.389 -5.409 -16.746 0.130 -3.777 -72.825 
-2.209 -18.212 1 AA_XCT1XGU2:XCT15XGU16_BB A 1 ? B 16 ? A 2 ? B 15 ? 
1 A XAD 4 1_555 B XTH 5 1_555 A XTH 5 1_555 B XAD 4 1_555 -0.066 5.766 4.098 0.675  8.191  9.709  8.054   1.780 6.834  40.195  
-3.312 12.714  2 AA_XAD4XTH5:XAD12XTH13_BB A 4 ? B 13 ? A 5 ? B 12 ? 
# 
_atom_sites.entry_id                    2H9S 
_atom_sites.fract_transf_matrix[1][1]   0.02535777 
_atom_sites.fract_transf_matrix[1][2]   0.01164765 
_atom_sites.fract_transf_matrix[1][3]   -0.01003343 
_atom_sites.fract_transf_matrix[2][1]   0.00012497 
_atom_sites.fract_transf_matrix[2][2]   0.01593172 
_atom_sites.fract_transf_matrix[2][3]   -0.02500930 
_atom_sites.fract_transf_matrix[3][1]   -0.00128961 
_atom_sites.fract_transf_matrix[3][2]   0.00620942 
_atom_sites.fract_transf_matrix[3][3]   0.00394916 
_atom_sites.fract_transf_vector[1]      0.035309 
_atom_sites.fract_transf_vector[2]      0.358296 
_atom_sites.fract_transf_vector[3]      0.069545 
# 
loop_
_atom_type.symbol 
C  
MG 
N  
O  
P  
# 
loop_
_atom_site.group_PDB 
_atom_site.id 
_atom_site.type_symbol 
_atom_site.label_atom_id 
_atom_site.label_alt_id 
_atom_site.label_comp_id 
_atom_site.label_asym_id 
_atom_site.label_entity_id 
_atom_site.label_seq_id 
_atom_site.pdbx_PDB_ins_code 
_atom_site.Cartn_x 
_atom_site.Cartn_y 
_atom_site.Cartn_z 
_atom_site.occupancy 
_atom_site.B_iso_or_equiv 
_atom_site.pdbx_formal_charge 
_atom_site.auth_seq_id 
_atom_site.auth_comp_id 
_atom_site.auth_asym_id 
_atom_site.auth_atom_id 
_atom_site.pdbx_PDB_model_num 
HETATM 1   O  "O6'" . XCT A 1 1 ? -15.695 -8.673  2.426   1.00 34.43 ? 1   XCT A "O6'" 1 
HETATM 2   C  "C6'" . XCT A 1 1 ? -14.846 -7.577  2.072   1.00 34.86 ? 1   XCT A "C6'" 1 
HETATM 3   C  "C5'" . XCT A 1 1 ? -13.369 -7.883  2.298   1.00 34.89 ? 1   XCT A "C5'" 1 
HETATM 4   O  "O5'" . XCT A 1 1 ? -12.928 -8.723  1.201   1.00 36.85 ? 1   XCT A "O5'" 1 
HETATM 5   C  "C4'" . XCT A 1 1 ? -12.508 -6.585  2.320   1.00 35.45 ? 1   XCT A "C4'" 1 
HETATM 6   O  "O4'" . XCT A 1 1 ? -12.860 -5.831  3.474   1.00 31.89 ? 1   XCT A "O4'" 1 
HETATM 7   C  "C3'" . XCT A 1 1 ? -11.030 -7.005  2.348   1.00 32.35 ? 1   XCT A "C3'" 1 
HETATM 8   C  "C2'" . XCT A 1 1 ? -10.676 -7.911  1.180   1.00 32.56 ? 1   XCT A "C2'" 1 
HETATM 9   C  "C1'" . XCT A 1 1 ? -11.585 -9.146  1.330   1.00 35.27 ? 1   XCT A "C1'" 1 
HETATM 10  N  N1    . XCT A 1 1 ? -11.372 -10.087 0.293   1.00 37.67 ? 1   XCT A N1    1 
HETATM 11  C  C2    . XCT A 1 1 ? -10.988 -11.397 0.616   1.00 37.41 ? 1   XCT A C2    1 
HETATM 12  O  O2    . XCT A 1 1 ? -10.802 -11.694 1.817   1.00 33.55 ? 1   XCT A O2    1 
HETATM 13  C  C6    . XCT A 1 1 ? -11.592 -9.715  -1.005  1.00 37.97 ? 1   XCT A C6    1 
HETATM 14  C  C5    . XCT A 1 1 ? -11.397 -10.570 -2.001  1.00 39.80 ? 1   XCT A C5    1 
HETATM 15  C  C4    . XCT A 1 1 ? -11.016 -11.897 -1.678  1.00 37.15 ? 1   XCT A C4    1 
HETATM 16  N  N3    . XCT A 1 1 ? -10.764 -12.268 -0.403  1.00 39.18 ? 1   XCT A N3    1 
HETATM 17  N  N4    . XCT A 1 1 ? -10.806 -12.779 -2.649  1.00 40.78 ? 1   XCT A N4    1 
HETATM 18  P  P     . XGU A 1 2 ? -13.424 -4.300  3.343   1.00 33.59 ? 2   XGU A P     1 
HETATM 19  O  OP1   . XGU A 1 2 ? -14.661 -4.313  2.532   1.00 37.81 ? 2   XGU A OP1   1 
HETATM 20  O  OP2   . XGU A 1 2 ? -13.467 -3.734  4.705   1.00 30.19 ? 2   XGU A OP2   1 
HETATM 21  O  "O6'" . XGU A 1 2 ? -12.364 -3.461  2.516   1.00 33.43 ? 2   XGU A "O6'" 1 
HETATM 22  C  "C6'" . XGU A 1 2 ? -11.089 -3.175  3.103   1.00 32.63 ? 2   XGU A "C6'" 1 
HETATM 23  C  "C5'" . XGU A 1 2 ? -10.222 -2.538  2.054   1.00 30.83 ? 2   XGU A "C5'" 1 
HETATM 24  O  "O5'" . XGU A 1 2 ? -10.084 -3.393  0.891   1.00 33.13 ? 2   XGU A "O5'" 1 
HETATM 25  C  "C4'" . XGU A 1 2 ? -10.849 -1.215  1.594   1.00 30.89 ? 2   XGU A "C4'" 1 
HETATM 26  O  "O4'" . XGU A 1 2 ? -11.053 -0.424  2.761   1.00 30.60 ? 2   XGU A "O4'" 1 
HETATM 27  C  "C3'" . XGU A 1 2 ? -9.927  -0.557  0.588   1.00 28.98 ? 2   XGU A "C3'" 1 
HETATM 28  C  "C2'" . XGU A 1 2 ? -9.739  -1.489  -0.605  1.00 31.24 ? 2   XGU A "C2'" 1 
HETATM 29  C  "C1'" . XGU A 1 2 ? -9.211  -2.857  -0.103  1.00 30.29 ? 2   XGU A "C1'" 1 
HETATM 30  N  N9    . XGU A 1 2 ? -9.197  -3.848  -1.139  1.00 28.90 ? 2   XGU A N9    1 
HETATM 31  C  C8    . XGU A 1 2 ? -9.751  -3.805  -2.390  1.00 30.33 ? 2   XGU A C8    1 
HETATM 32  N  N7    . XGU A 1 2 ? -9.602  -4.969  -2.963  1.00 32.26 ? 2   XGU A N7    1 
HETATM 33  C  C4    . XGU A 1 2 ? -8.711  -5.104  -0.929  1.00 28.18 ? 2   XGU A C4    1 
HETATM 34  C  C5    . XGU A 1 2 ? -8.936  -5.797  -2.067  1.00 30.14 ? 2   XGU A C5    1 
HETATM 35  N  N3    . XGU A 1 2 ? -8.115  -5.629  0.138   1.00 29.20 ? 2   XGU A N3    1 
HETATM 36  C  C2    . XGU A 1 2 ? -7.734  -6.931  0.102   1.00 28.82 ? 2   XGU A C2    1 
HETATM 37  N  N2    . XGU A 1 2 ? -7.133  -7.457  1.141   1.00 30.46 ? 2   XGU A N2    1 
HETATM 38  N  N1    . XGU A 1 2 ? -7.941  -7.693  -1.023  1.00 31.43 ? 2   XGU A N1    1 
HETATM 39  C  C6    . XGU A 1 2 ? -8.556  -7.167  -2.121  1.00 30.52 ? 2   XGU A C6    1 
HETATM 40  O  O6    . XGU A 1 2 ? -8.739  -7.834  -3.143  1.00 34.22 ? 2   XGU A O6    1 
HETATM 41  P  P     . XAD A 1 3 ? -12.024 0.855   2.732   1.00 30.70 ? 3   XAD A P     1 
HETATM 42  O  OP1   . XAD A 1 3 ? -13.035 0.652   1.676   1.00 30.01 ? 3   XAD A OP1   1 
HETATM 43  O  OP2   . XAD A 1 3 ? -12.410 1.067   4.134   1.00 29.94 ? 3   XAD A OP2   1 
HETATM 44  O  "O6'" . XAD A 1 3 ? -11.138 2.077   2.277   1.00 32.02 ? 3   XAD A "O6'" 1 
HETATM 45  C  "C6'" . XAD A 1 3 ? -9.987  2.404   3.039   1.00 33.20 ? 3   XAD A "C6'" 1 
HETATM 46  C  "C5'" . XAD A 1 3 ? -8.859  2.787   2.115   1.00 35.07 ? 3   XAD A "C5'" 1 
HETATM 47  C  "C4'" . XAD A 1 3 ? -7.549  2.991   2.875   1.00 38.20 ? 3   XAD A "C4'" 1 
HETATM 48  O  "O4'" . XAD A 1 3 ? -7.095  1.693   3.266   1.00 44.38 ? 3   XAD A "O4'" 1 
HETATM 49  C  "C3'" . XAD A 1 3 ? -6.538  3.684   1.950   1.00 36.02 ? 3   XAD A "C3'" 1 
HETATM 50  C  "C2'" . XAD A 1 3 ? -7.109  4.943   1.320   1.00 36.20 ? 3   XAD A "C2'" 1 
HETATM 51  C  "C1'" . XAD A 1 3 ? -8.263  4.407   0.506   1.00 35.44 ? 3   XAD A "C1'" 1 
HETATM 52  O  "O5'" . XAD A 1 3 ? -9.241  3.995   1.428   1.00 33.52 ? 3   XAD A "O5'" 1 
HETATM 53  N  N9    . XAD A 1 3 ? -8.972  5.343   -0.339  1.00 34.57 ? 3   XAD A N9    1 
HETATM 54  C  C8    . XAD A 1 3 ? -9.585  6.507   0.071   1.00 36.38 ? 3   XAD A C8    1 
HETATM 55  N  N7    . XAD A 1 3 ? -10.242 7.071   -0.918  1.00 34.17 ? 3   XAD A N7    1 
HETATM 56  C  C5    . XAD A 1 3 ? -10.128 6.174   -1.982  1.00 35.18 ? 3   XAD A C5    1 
HETATM 57  C  C4    . XAD A 1 3 ? -9.352  5.114   -1.637  1.00 34.67 ? 3   XAD A C4    1 
HETATM 58  C  C6    . XAD A 1 3 ? -10.601 6.186   -3.295  1.00 36.77 ? 3   XAD A C6    1 
HETATM 59  N  N6    . XAD A 1 3 ? -11.351 7.166   -3.788  1.00 40.77 ? 3   XAD A N6    1 
HETATM 60  N  N1    . XAD A 1 3 ? -10.302 5.133   -4.106  1.00 39.18 ? 3   XAD A N1    1 
HETATM 61  C  C2    . XAD A 1 3 ? -9.547  4.115   -3.644  1.00 36.23 ? 3   XAD A C2    1 
HETATM 62  N  N3    . XAD A 1 3 ? -9.034  4.040   -2.410  1.00 37.70 ? 3   XAD A N3    1 
HETATM 63  P  P     . XAD A 1 4 ? -6.596  1.485   4.751   1.00 47.78 ? 4   XAD A P     1 
HETATM 64  O  OP1   . XAD A 1 4 ? -7.241  2.487   5.590   1.00 44.66 ? 4   XAD A OP1   1 
HETATM 65  O  OP2   . XAD A 1 4 ? -6.725  0.032   5.075   1.00 50.36 ? 4   XAD A OP2   1 
HETATM 66  O  "O6'" . XAD A 1 4 ? -5.045  1.920   4.859   1.00 43.57 ? 4   XAD A "O6'" 1 
HETATM 67  C  "C6'" . XAD A 1 4 ? -4.040  1.013   4.602   1.00 43.33 ? 4   XAD A "C6'" 1 
HETATM 68  C  "C5'" . XAD A 1 4 ? -2.950  1.721   3.858   1.00 41.23 ? 4   XAD A "C5'" 1 
HETATM 69  C  "C4'" . XAD A 1 4 ? -2.497  3.007   4.569   1.00 43.92 ? 4   XAD A "C4'" 1 
HETATM 70  O  "O4'" . XAD A 1 4 ? -1.894  2.617   5.828   1.00 46.68 ? 4   XAD A "O4'" 1 
HETATM 71  C  "C3'" . XAD A 1 4 ? -1.497  3.712   3.633   1.00 41.91 ? 4   XAD A "C3'" 1 
HETATM 72  C  "C2'" . XAD A 1 4 ? -2.102  3.976   2.260   1.00 40.03 ? 4   XAD A "C2'" 1 
HETATM 73  C  "C1'" . XAD A 1 4 ? -2.427  2.586   1.730   1.00 38.70 ? 4   XAD A "C1'" 1 
HETATM 74  O  "O5'" . XAD A 1 4 ? -3.445  2.042   2.553   1.00 40.74 ? 4   XAD A "O5'" 1 
HETATM 75  N  N9    . XAD A 1 4 ? -2.957  2.531   0.382   1.00 36.67 ? 4   XAD A N9    1 
HETATM 76  C  C8    . XAD A 1 4 ? -3.609  3.533   -0.308  1.00 34.41 ? 4   XAD A C8    1 
HETATM 77  N  N7    . XAD A 1 4 ? -3.991  3.126   -1.509  1.00 35.87 ? 4   XAD A N7    1 
HETATM 78  C  C5    . XAD A 1 4 ? -3.594  1.803   -1.580  1.00 34.69 ? 4   XAD A C5    1 
HETATM 79  C  C4    . XAD A 1 4 ? -2.963  1.423   -0.420  1.00 36.50 ? 4   XAD A C4    1 
HETATM 80  C  C6    . XAD A 1 4 ? -3.680  0.833   -2.577  1.00 35.91 ? 4   XAD A C6    1 
HETATM 81  N  N6    . XAD A 1 4 ? -4.247  1.048   -3.774  1.00 37.36 ? 4   XAD A N6    1 
HETATM 82  N  N1    . XAD A 1 4 ? -3.198  -0.398  -2.307  1.00 36.40 ? 4   XAD A N1    1 
HETATM 83  C  C2    . XAD A 1 4 ? -2.612  -0.653  -1.125  1.00 34.03 ? 4   XAD A C2    1 
HETATM 84  N  N3    . XAD A 1 4 ? -2.443  0.228   -0.136  1.00 37.39 ? 4   XAD A N3    1 
HETATM 85  P  P     . XTH A 1 5 ? -1.923  3.593   7.083   1.00 48.79 ? 5   XTH A P     1 
HETATM 86  O  OP1   . XTH A 1 5 ? -1.440  2.822   8.249   1.00 48.48 ? 5   XTH A OP1   1 
HETATM 87  O  OP2   . XTH A 1 5 ? -3.244  4.252   7.157   1.00 47.00 ? 5   XTH A OP2   1 
HETATM 88  O  "O6'" . XTH A 1 5 ? -0.861  4.760   6.836   1.00 49.55 ? 5   XTH A "O6'" 1 
HETATM 89  C  "C6'" . XTH A 1 5 ? 0.511   4.472   6.578   1.00 50.19 ? 5   XTH A "C6'" 1 
HETATM 90  C  "C5'" . XTH A 1 5 ? 1.197   5.776   6.230   1.00 50.89 ? 5   XTH A "C5'" 1 
HETATM 91  C  "C4'" . XTH A 1 5 ? 1.124   6.802   7.352   1.00 52.72 ? 5   XTH A "C4'" 1 
HETATM 92  O  "O4'" . XTH A 1 5 ? 1.675   6.185   8.545   1.00 56.59 ? 5   XTH A "O4'" 1 
HETATM 93  C  "C3'" . XTH A 1 5 ? 1.855   8.040   6.807   1.00 50.93 ? 5   XTH A "C3'" 1 
HETATM 94  C  "C2'" . XTH A 1 5 ? 1.197   8.575   5.524   1.00 47.04 ? 5   XTH A "C2'" 1 
HETATM 95  C  "C1'" . XTH A 1 5 ? 1.266   7.412   4.530   1.00 46.21 ? 5   XTH A "C1'" 1 
HETATM 96  O  "O5'" . XTH A 1 5 ? 0.513   6.366   5.111   1.00 48.34 ? 5   XTH A "O5'" 1 
HETATM 97  N  N1    . XTH A 1 5 ? 0.634   7.587   3.198   1.00 42.79 ? 5   XTH A N1    1 
HETATM 98  C  C2    . XTH A 1 5 ? 0.735   6.533   2.309   1.00 41.24 ? 5   XTH A C2    1 
HETATM 99  O  O2    . XTH A 1 5 ? 1.414   5.546   2.538   1.00 43.77 ? 5   XTH A O2    1 
HETATM 100 N  N3    . XTH A 1 5 ? 0.072   6.669   1.117   1.00 37.70 ? 5   XTH A N3    1 
HETATM 101 C  C4    . XTH A 1 5 ? -0.700  7.754   0.781   1.00 39.92 ? 5   XTH A C4    1 
HETATM 102 O  O4    . XTH A 1 5 ? -1.287  7.802   -0.289  1.00 39.16 ? 5   XTH A O4    1 
HETATM 103 C  C5    . XTH A 1 5 ? -0.792  8.805   1.762   1.00 40.21 ? 5   XTH A C5    1 
HETATM 104 C  C5M   . XTH A 1 5 ? -1.615  10.024  1.477   1.00 42.82 ? 5   XTH A C5M   1 
HETATM 105 C  C6    . XTH A 1 5 ? -0.155  8.670   2.927   1.00 40.26 ? 5   XTH A C6    1 
HETATM 106 P  P     . XTH A 1 6 ? 2.679   6.960   9.508   1.00 55.74 ? 6   XTH A P     1 
HETATM 107 O  OP1   . XTH A 1 6 ? 2.789   6.188   10.757  1.00 56.39 ? 6   XTH A OP1   1 
HETATM 108 O  OP2   . XTH A 1 6 ? 2.289   8.382   9.549   1.00 58.99 ? 6   XTH A OP2   1 
HETATM 109 O  "O6'" . XTH A 1 6 ? 4.116   6.886   8.851   1.00 57.50 ? 6   XTH A "O6'" 1 
HETATM 110 C  "C6'" . XTH A 1 6 ? 4.502   5.683   8.236   1.00 55.75 ? 6   XTH A "C6'" 1 
HETATM 111 C  "C5'" . XTH A 1 6 ? 5.463   5.977   7.114   1.00 52.91 ? 6   XTH A "C5'" 1 
HETATM 112 C  "C4'" . XTH A 1 6 ? 6.806   6.446   7.597   1.00 50.94 ? 6   XTH A "C4'" 1 
HETATM 113 O  "O4'" . XTH A 1 6 ? 7.238   5.557   8.589   1.00 50.56 ? 6   XTH A "O4'" 1 
HETATM 114 C  "C3'" . XTH A 1 6 ? 7.651   6.466   6.332   1.00 48.91 ? 6   XTH A "C3'" 1 
HETATM 115 C  "C2'" . XTH A 1 6 ? 7.113   7.484   5.334   1.00 47.96 ? 6   XTH A "C2'" 1 
HETATM 116 C  "C1'" . XTH A 1 6 ? 5.687   7.042   5.019   1.00 46.76 ? 6   XTH A "C1'" 1 
HETATM 117 O  "O5'" . XTH A 1 6 ? 4.963   7.037   6.257   1.00 51.66 ? 6   XTH A "O5'" 1 
HETATM 118 N  N1    . XTH A 1 6 ? 4.927   7.921   4.095   1.00 42.29 ? 6   XTH A N1    1 
HETATM 119 C  C2    . XTH A 1 6 ? 4.541   7.392   2.883   1.00 39.31 ? 6   XTH A C2    1 
HETATM 120 O  O2    . XTH A 1 6 ? 4.780   6.249   2.571   1.00 43.02 ? 6   XTH A O2    1 
HETATM 121 N  N3    . XTH A 1 6 ? 3.860   8.214   2.045   1.00 38.43 ? 6   XTH A N3    1 
HETATM 122 C  C4    . XTH A 1 6 ? 3.537   9.519   2.325   1.00 38.06 ? 6   XTH A C4    1 
HETATM 123 O  O4    . XTH A 1 6 ? 2.885   10.187  1.528   1.00 39.43 ? 6   XTH A O4    1 
HETATM 124 C  C5    . XTH A 1 6 ? 3.986   10.037  3.607   1.00 40.96 ? 6   XTH A C5    1 
HETATM 125 C  C5M   . XTH A 1 6 ? 3.704   11.465  3.989   1.00 41.46 ? 6   XTH A C5M   1 
HETATM 126 C  C6    . XTH A 1 6 ? 4.688   9.235   4.416   1.00 39.16 ? 6   XTH A C6    1 
HETATM 127 P  P     . XCT A 1 7 ? 8.478   5.950   9.492   1.00 48.42 ? 7   XCT A P     1 
HETATM 128 O  OP1   . XCT A 1 7 ? 8.743   4.812   10.389  1.00 50.11 ? 7   XCT A OP1   1 
HETATM 129 O  OP2   . XCT A 1 7 ? 8.210   7.298   10.045  1.00 44.41 ? 7   XCT A OP2   1 
HETATM 130 O  "O6'" . XCT A 1 7 ? 9.710   6.067   8.495   1.00 43.95 ? 7   XCT A "O6'" 1 
HETATM 131 C  "C6'" . XCT A 1 7 ? 10.874  6.718   8.842   1.00 39.37 ? 7   XCT A "C6'" 1 
HETATM 132 C  "C5'" . XCT A 1 7 ? 11.589  7.157   7.586   1.00 35.97 ? 7   XCT A "C5'" 1 
HETATM 133 O  "O5'" . XCT A 1 7 ? 10.782  8.155   6.937   1.00 33.75 ? 7   XCT A "O5'" 1 
HETATM 134 C  "C4'" . XCT A 1 7 ? 12.949  7.767   7.863   1.00 36.34 ? 7   XCT A "C4'" 1 
HETATM 135 O  "O4'" . XCT A 1 7 ? 13.725  6.775   8.507   1.00 37.16 ? 7   XCT A "O4'" 1 
HETATM 136 C  "C3'" . XCT A 1 7 ? 13.494  8.177   6.518   1.00 33.69 ? 7   XCT A "C3'" 1 
HETATM 137 C  "C2'" . XCT A 1 7 ? 12.594  9.203   5.819   1.00 32.26 ? 7   XCT A "C2'" 1 
HETATM 138 C  "C1'" . XCT A 1 7 ? 11.238  8.515   5.647   1.00 32.59 ? 7   XCT A "C1'" 1 
HETATM 139 N  N1    . XCT A 1 7 ? 10.208  9.399   5.094   1.00 32.91 ? 7   XCT A N1    1 
HETATM 140 C  C2    . XCT A 1 7 ? 9.501   9.037   3.954   1.00 33.07 ? 7   XCT A C2    1 
HETATM 141 O  O2    . XCT A 1 7 ? 9.828   7.983   3.339   1.00 32.66 ? 7   XCT A O2    1 
HETATM 142 C  C6    . XCT A 1 7 ? 9.901   10.539  5.779   1.00 35.87 ? 7   XCT A C6    1 
HETATM 143 C  C5    . XCT A 1 7 ? 8.960   11.359  5.341   1.00 32.70 ? 7   XCT A C5    1 
HETATM 144 C  C4    . XCT A 1 7 ? 8.242   11.005  4.181   1.00 32.58 ? 7   XCT A C4    1 
HETATM 145 N  N3    . XCT A 1 7 ? 8.537   9.879   3.489   1.00 31.04 ? 7   XCT A N3    1 
HETATM 146 N  N4    . XCT A 1 7 ? 7.282   11.813  3.729   1.00 32.59 ? 7   XCT A N4    1 
HETATM 147 P  P     . XGU A 1 8 ? 14.374  7.073   9.916   1.00 40.24 ? 8   XGU A P     1 
HETATM 148 O  OP1   . XGU A 1 8 ? 13.349  7.581   10.853  1.00 41.72 ? 8   XGU A OP1   1 
HETATM 149 O  OP2   . XGU A 1 8 ? 15.113  5.858   10.341  1.00 39.35 ? 8   XGU A OP2   1 
HETATM 150 O  "O6'" . XGU A 1 8 ? 15.462  8.246   9.748   1.00 42.35 ? 8   XGU A "O6'" 1 
HETATM 151 C  "C6'" . XGU A 1 8 ? 16.716  7.940   9.157   1.00 42.33 ? 8   XGU A "C6'" 1 
HETATM 152 C  "C5'" . XGU A 1 8 ? 17.575  9.196   9.088   1.00 42.11 ? 8   XGU A "C5'" 1 
HETATM 153 O  "O5'" . XGU A 1 8 ? 16.791  10.304  8.605   1.00 38.27 ? 8   XGU A "O5'" 1 
HETATM 154 C  "C4'" . XGU A 1 8 ? 18.140  9.613   10.440  1.00 43.34 ? 8   XGU A "C4'" 1 
HETATM 155 O  "O4'" . XGU A 1 8 ? 18.899  8.549   10.998  1.00 48.03 ? 8   XGU A "O4'" 1 
HETATM 156 C  "C3'" . XGU A 1 8 ? 19.006  10.872  10.280  1.00 39.71 ? 8   XGU A "C3'" 1 
HETATM 157 C  "C2'" . XGU A 1 8 ? 18.235  11.984  9.537   1.00 35.90 ? 8   XGU A "C2'" 1 
HETATM 158 C  "C1'" . XGU A 1 8 ? 17.586  11.424  8.276   1.00 34.75 ? 8   XGU A "C1'" 1 
HETATM 159 N  N9    . XGU A 1 8 ? 16.666  12.343  7.653   1.00 33.08 ? 8   XGU A N9    1 
HETATM 160 C  C8    . XGU A 1 8 ? 16.259  13.586  8.118   1.00 34.26 ? 8   XGU A C8    1 
HETATM 161 N  N7    . XGU A 1 8 ? 15.331  14.039  7.317   1.00 30.99 ? 8   XGU A N7    1 
HETATM 162 C  C4    . XGU A 1 8 ? 15.972  12.052  6.523   1.00 32.21 ? 8   XGU A C4    1 
HETATM 163 C  C5    . XGU A 1 8 ? 15.146  13.134  6.287   1.00 32.25 ? 8   XGU A C5    1 
HETATM 164 N  N3    . XGU A 1 8 ? 16.001  10.964  5.685   1.00 32.56 ? 8   XGU A N3    1 
HETATM 165 C  C2    . XGU A 1 8 ? 15.212  10.937  4.623   1.00 32.38 ? 8   XGU A C2    1 
HETATM 166 N  N2    . XGU A 1 8 ? 15.212  9.857   3.824   1.00 31.96 ? 8   XGU A N2    1 
HETATM 167 N  N1    . XGU A 1 8 ? 14.331  11.982  4.358   1.00 32.34 ? 8   XGU A N1    1 
HETATM 168 C  C6    . XGU A 1 8 ? 14.291  13.112  5.178   1.00 33.32 ? 8   XGU A C6    1 
HETATM 169 O  O6    . XGU A 1 8 ? 13.461  14.062  4.963   1.00 34.05 ? 8   XGU A O6    1 
HETATM 170 O  "O6'" . XCT B 1 1 ? 12.212  10.889  -4.263  1.00 39.45 ? 9   XCT B "O6'" 1 
HETATM 171 C  "C6'" . XCT B 1 1 ? 13.135  9.942   -3.653  1.00 34.11 ? 9   XCT B "C6'" 1 
HETATM 172 C  "C5'" . XCT B 1 1 ? 12.460  9.155   -2.555  1.00 31.86 ? 9   XCT B "C5'" 1 
HETATM 173 O  "O5'" . XCT B 1 1 ? 12.019  10.063  -1.524  1.00 31.79 ? 9   XCT B "O5'" 1 
HETATM 174 C  "C4'" . XCT B 1 1 ? 11.226  8.422   -3.075  1.00 32.47 ? 9   XCT B "C4'" 1 
HETATM 175 O  "O4'" . XCT B 1 1 ? 11.685  7.494   -4.066  1.00 35.80 ? 9   XCT B "O4'" 1 
HETATM 176 C  "C3'" . XCT B 1 1 ? 10.556  7.765   -1.868  1.00 33.23 ? 9   XCT B "C3'" 1 
HETATM 177 C  "C2'" . XCT B 1 1 ? 10.178  8.789   -0.803  1.00 32.02 ? 9   XCT B "C2'" 1 
HETATM 178 C  "C1'" . XCT B 1 1 ? 11.486  9.423   -0.390  1.00 31.40 ? 9   XCT B "C1'" 1 
HETATM 179 N  N1    . XCT B 1 1 ? 11.337  10.491  0.631   1.00 28.71 ? 9   XCT B N1    1 
HETATM 180 C  C2    . XCT B 1 1 ? 12.394  10.739  1.515   1.00 30.33 ? 9   XCT B C2    1 
HETATM 181 O  O2    . XCT B 1 1 ? 13.428  10.040  1.445   1.00 31.61 ? 9   XCT B O2    1 
HETATM 182 C  C6    . XCT B 1 1 ? 10.203  11.261  0.645   1.00 31.85 ? 9   XCT B C6    1 
HETATM 183 C  C5    . XCT B 1 1 ? 10.100  12.276  1.522   1.00 31.26 ? 9   XCT B C5    1 
HETATM 184 C  C4    . XCT B 1 1 ? 11.174  12.501  2.435   1.00 30.67 ? 9   XCT B C4    1 
HETATM 185 N  N3    . XCT B 1 1 ? 12.287  11.759  2.411   1.00 30.16 ? 9   XCT B N3    1 
HETATM 186 N  N4    . XCT B 1 1 ? 11.098  13.485  3.347   1.00 31.98 ? 9   XCT B N4    1 
HETATM 187 P  P     . XGU B 1 2 ? 10.988  7.515   -5.475  1.00 33.98 ? 10  XGU B P     1 
HETATM 188 O  OP1   . XGU B 1 2 ? 11.540  6.367   -6.281  1.00 37.60 ? 10  XGU B OP1   1 
HETATM 189 O  OP2   . XGU B 1 2 ? 11.070  8.875   -6.064  1.00 37.81 ? 10  XGU B OP2   1 
HETATM 190 O  "O6'" . XGU B 1 2 ? 9.455   7.245   -5.274  1.00 35.19 ? 10  XGU B "O6'" 1 
HETATM 191 C  "C6'" . XGU B 1 2 ? 9.039   5.983   -4.760  1.00 34.45 ? 10  XGU B "C6'" 1 
HETATM 192 C  "C5'" . XGU B 1 2 ? 7.540   6.028   -4.541  1.00 31.03 ? 10  XGU B "C5'" 1 
HETATM 193 O  "O5'" . XGU B 1 2 ? 7.194   7.104   -3.620  1.00 29.28 ? 10  XGU B "O5'" 1 
HETATM 194 C  "C4'" . XGU B 1 2 ? 6.810   6.258   -5.845  1.00 31.53 ? 10  XGU B "C4'" 1 
HETATM 195 O  "O4'" . XGU B 1 2 ? 7.196   5.193   -6.765  1.00 32.82 ? 10  XGU B "O4'" 1 
HETATM 196 C  "C3'" . XGU B 1 2 ? 5.301   6.294   -5.603  1.00 30.08 ? 10  XGU B "C3'" 1 
HETATM 197 C  "C2'" . XGU B 1 2 ? 4.990   7.402   -4.581  1.00 26.30 ? 10  XGU B "C2'" 1 
HETATM 198 C  "C1'" . XGU B 1 2 ? 5.792   7.154   -3.316  1.00 28.64 ? 10  XGU B "C1'" 1 
HETATM 199 N  N9    . XGU B 1 2 ? 5.639   8.268   -2.380  1.00 29.97 ? 10  XGU B N9    1 
HETATM 200 C  C8    . XGU B 1 2 ? 5.050   9.484   -2.628  1.00 31.30 ? 10  XGU B C8    1 
HETATM 201 N  N7    . XGU B 1 2 ? 5.188   10.241  -1.564  1.00 30.22 ? 10  XGU B N7    1 
HETATM 202 C  C4    . XGU B 1 2 ? 6.229   8.303   -1.170  1.00 30.05 ? 10  XGU B C4    1 
HETATM 203 C  C5    . XGU B 1 2 ? 5.966   9.541   -0.647  1.00 28.44 ? 10  XGU B C5    1 
HETATM 204 N  N3    . XGU B 1 2 ? 6.938   7.379   -0.492  1.00 27.99 ? 10  XGU B N3    1 
HETATM 205 C  C2    . XGU B 1 2 ? 7.409   7.655   0.716   1.00 32.73 ? 10  XGU B C2    1 
HETATM 206 N  N2    . XGU B 1 2 ? 8.118   6.737   1.373   1.00 31.74 ? 10  XGU B N2    1 
HETATM 207 N  N1    . XGU B 1 2 ? 7.168   8.869   1.298   1.00 29.46 ? 10  XGU B N1    1 
HETATM 208 C  C6    . XGU B 1 2 ? 6.424   9.831   0.650   1.00 31.28 ? 10  XGU B C6    1 
HETATM 209 O  O6    . XGU B 1 2 ? 6.213   10.951  1.170   1.00 32.51 ? 10  XGU B O6    1 
HETATM 210 P  P     . XAD B 1 3 ? 6.859   5.298   -8.304  1.00 30.98 ? 11  XAD B P     1 
HETATM 211 O  OP1   . XAD B 1 3 ? 6.763   6.710   -8.720  1.00 32.78 ? 11  XAD B OP1   1 
HETATM 212 O  OP2   . XAD B 1 3 ? 7.806   4.415   -8.997  1.00 32.51 ? 11  XAD B OP2   1 
HETATM 213 O  "O6'" . XAD B 1 3 ? 5.411   4.690   -8.512  1.00 31.93 ? 11  XAD B "O6'" 1 
HETATM 214 C  "C6'" . XAD B 1 3 ? 5.143   3.358   -8.066  1.00 28.64 ? 11  XAD B "C6'" 1 
HETATM 215 C  "C5'" . XAD B 1 3 ? 3.749   3.292   -7.469  1.00 31.75 ? 11  XAD B "C5'" 1 
HETATM 216 C  "C4'" . XAD B 1 3 ? 3.461   1.895   -6.908  1.00 34.82 ? 11  XAD B "C4'" 1 
HETATM 217 O  "O4'" . XAD B 1 3 ? 4.333   1.721   -5.852  1.00 36.60 ? 11  XAD B "O4'" 1 
HETATM 218 C  "C3'" . XAD B 1 3 ? 2.002   1.878   -6.458  1.00 34.12 ? 11  XAD B "C3'" 1 
HETATM 219 C  "C2'" . XAD B 1 3 ? 1.077   2.208   -7.610  1.00 28.77 ? 11  XAD B "C2'" 1 
HETATM 220 C  "C1'" . XAD B 1 3 ? 1.434   3.646   -7.970  1.00 32.65 ? 11  XAD B "C1'" 1 
HETATM 221 O  "O5'" . XAD B 1 3 ? 2.762   3.663   -8.483  1.00 30.09 ? 11  XAD B "O5'" 1 
HETATM 222 N  N9    . XAD B 1 3 ? 0.651   4.263   -9.018  1.00 32.63 ? 11  XAD B N9    1 
HETATM 223 C  C8    . XAD B 1 3 ? 0.538   3.841   -10.322 1.00 31.17 ? 11  XAD B C8    1 
HETATM 224 N  N7    . XAD B 1 3 ? -0.140  4.700   -11.054 1.00 31.95 ? 11  XAD B N7    1 
HETATM 225 C  C5    . XAD B 1 3 ? -0.419  5.763   -10.195 1.00 34.06 ? 11  XAD B C5    1 
HETATM 226 C  C4    . XAD B 1 3 ? 0.087   5.524   -8.952  1.00 33.26 ? 11  XAD B C4    1 
HETATM 227 C  C6    . XAD B 1 3 ? -1.070  6.988   -10.371 1.00 34.43 ? 11  XAD B C6    1 
HETATM 228 N  N6    . XAD B 1 3 ? -1.627  7.354   -11.511 1.00 36.07 ? 11  XAD B N6    1 
HETATM 229 N  N1    . XAD B 1 3 ? -1.172  7.822   -9.299  1.00 36.47 ? 11  XAD B N1    1 
HETATM 230 C  C2    . XAD B 1 3 ? -0.600  7.492   -8.126  1.00 34.27 ? 11  XAD B C2    1 
HETATM 231 N  N3    . XAD B 1 3 ? 0.027   6.331   -7.865  1.00 37.13 ? 11  XAD B N3    1 
HETATM 232 P  P     . XAD B 1 4 ? 5.163   0.401   -5.672  1.00 40.58 ? 12  XAD B P     1 
HETATM 233 O  OP1   . XAD B 1 4 ? 6.213   0.697   -4.679  1.00 41.86 ? 12  XAD B OP1   1 
HETATM 234 O  OP2   . XAD B 1 4 ? 5.547   -0.129  -7.000  1.00 41.37 ? 12  XAD B OP2   1 
HETATM 235 O  "O6'" . XAD B 1 4 ? 4.206   -0.677  -4.988  1.00 36.33 ? 12  XAD B "O6'" 1 
HETATM 236 C  "C6'" . XAD B 1 4 ? 4.177   -0.785  -3.576  1.00 38.11 ? 12  XAD B "C6'" 1 
HETATM 237 C  "C5'" . XAD B 1 4 ? 2.766   -1.097  -3.147  1.00 38.43 ? 12  XAD B "C5'" 1 
HETATM 238 C  "C4'" . XAD B 1 4 ? 2.230   -2.355  -3.832  1.00 40.98 ? 12  XAD B "C4'" 1 
HETATM 239 O  "O4'" . XAD B 1 4 ? 3.080   -3.443  -3.478  1.00 42.87 ? 12  XAD B "O4'" 1 
HETATM 240 C  "C3'" . XAD B 1 4 ? 0.794   -2.523  -3.344  1.00 40.42 ? 12  XAD B "C3'" 1 
HETATM 241 C  "C2'" . XAD B 1 4 ? -0.048  -1.314  -3.735  1.00 38.93 ? 12  XAD B "C2'" 1 
HETATM 242 C  "C1'" . XAD B 1 4 ? 0.594   -0.168  -2.961  1.00 35.18 ? 12  XAD B "C1'" 1 
HETATM 243 O  "O5'" . XAD B 1 4 ? 1.901   0.023   -3.487  1.00 37.52 ? 12  XAD B "O5'" 1 
HETATM 244 N  N9    . XAD B 1 4 ? -0.058  1.135   -3.091  1.00 35.68 ? 12  XAD B N9    1 
HETATM 245 C  C8    . XAD B 1 4 ? -0.739  1.625   -4.169  1.00 32.67 ? 12  XAD B C8    1 
HETATM 246 N  N7    . XAD B 1 4 ? -1.128  2.891   -3.974  1.00 34.56 ? 12  XAD B N7    1 
HETATM 247 C  C5    . XAD B 1 4 ? -0.614  3.218   -2.733  1.00 34.37 ? 12  XAD B C5    1 
HETATM 248 C  C4    . XAD B 1 4 ? 0.080   2.161   -2.198  1.00 34.41 ? 12  XAD B C4    1 
HETATM 249 C  C6    . XAD B 1 4 ? -0.659  4.375   -1.952  1.00 32.60 ? 12  XAD B C6    1 
HETATM 250 N  N6    . XAD B 1 4 ? -1.270  5.486   -2.336  1.00 36.02 ? 12  XAD B N6    1 
HETATM 251 N  N1    . XAD B 1 4 ? -0.012  4.373   -0.781  1.00 32.60 ? 12  XAD B N1    1 
HETATM 252 C  C2    . XAD B 1 4 ? 0.609   3.263   -0.350  1.00 36.39 ? 12  XAD B C2    1 
HETATM 253 N  N3    . XAD B 1 4 ? 0.691   2.110   -1.026  1.00 31.99 ? 12  XAD B N3    1 
HETATM 254 P  P     . XTH B 1 5 ? 3.311   -4.656  -4.479  1.00 44.45 ? 13  XTH B P     1 
HETATM 255 O  OP1   . XTH B 1 5 ? 4.290   -5.554  -3.818  1.00 47.13 ? 13  XTH B OP1   1 
HETATM 256 O  OP2   . XTH B 1 5 ? 3.575   -4.158  -5.825  1.00 40.69 ? 13  XTH B OP2   1 
HETATM 257 O  "O6'" . XTH B 1 5 ? 1.987   -5.488  -4.590  1.00 47.24 ? 13  XTH B "O6'" 1 
HETATM 258 C  "C6'" . XTH B 1 5 ? 1.421   -6.065  -3.443  1.00 51.78 ? 13  XTH B "C6'" 1 
HETATM 259 C  "C5'" . XTH B 1 5 ? 0.093   -6.666  -3.833  1.00 53.86 ? 13  XTH B "C5'" 1 
HETATM 260 C  "C4'" . XTH B 1 5 ? 0.204   -7.808  -4.821  1.00 57.30 ? 13  XTH B "C4'" 1 
HETATM 261 O  "O4'" A XTH B 1 5 ? 1.106   -8.784  -4.355  0.50 61.98 ? 13  XTH B "O4'" 1 
HETATM 262 O  "O4'" B XTH B 1 5 ? 1.252   -8.750  -4.306  0.50 58.16 ? 13  XTH B "O4'" 1 
HETATM 263 C  "C3'" . XTH B 1 5 ? -1.231  -8.307  -4.959  1.00 56.56 ? 13  XTH B "C3'" 1 
HETATM 264 C  "C2'" . XTH B 1 5 ? -2.134  -7.215  -5.557  1.00 53.53 ? 13  XTH B "C2'" 1 
HETATM 265 C  "C1'" . XTH B 1 5 ? -2.067  -6.044  -4.555  1.00 50.93 ? 13  XTH B "C1'" 1 
HETATM 266 O  "O5'" . XTH B 1 5 ? -0.696  -5.664  -4.508  1.00 50.82 ? 13  XTH B "O5'" 1 
HETATM 267 N  N1    . XTH B 1 5 ? -2.784  -4.770  -4.903  1.00 45.72 ? 13  XTH B N1    1 
HETATM 268 C  C2    . XTH B 1 5 ? -2.833  -3.776  -3.942  1.00 43.44 ? 13  XTH B C2    1 
HETATM 269 O  O2    . XTH B 1 5 ? -2.428  -3.934  -2.805  1.00 42.68 ? 13  XTH B O2    1 
HETATM 270 N  N3    . XTH B 1 5 ? -3.396  -2.593  -4.319  1.00 41.27 ? 13  XTH B N3    1 
HETATM 271 C  C4    . XTH B 1 5 ? -3.861  -2.313  -5.581  1.00 44.15 ? 13  XTH B C4    1 
HETATM 272 O  O4    . XTH B 1 5 ? -4.318  -1.202  -5.844  1.00 46.63 ? 13  XTH B O4    1 
HETATM 273 C  C5    . XTH B 1 5 ? -3.747  -3.365  -6.564  1.00 44.76 ? 13  XTH B C5    1 
HETATM 274 C  C5M   . XTH B 1 5 ? -4.231  -3.141  -7.971  1.00 45.42 ? 13  XTH B C5M   1 
HETATM 275 C  C6    . XTH B 1 5 ? -3.194  -4.531  -6.199  1.00 45.01 ? 13  XTH B C6    1 
HETATM 276 P  P     A XTH B 1 6 ? 1.103   -10.219 -5.060  0.35 65.07 ? 14  XTH B P     1 
HETATM 277 P  P     B XTH B 1 6 ? 0.973   -10.252 -3.810  0.65 57.56 ? 14  XTH B P     1 
HETATM 278 O  OP1   A XTH B 1 6 ? 2.271   -10.973 -4.557  0.35 65.82 ? 14  XTH B OP1   1 
HETATM 279 O  OP1   B XTH B 1 6 ? 2.163   -10.691 -3.048  0.65 55.73 ? 14  XTH B OP1   1 
HETATM 280 O  OP2   A XTH B 1 6 ? 0.951   -10.012 -6.521  0.33 64.50 ? 14  XTH B OP2   1 
HETATM 281 O  OP2   B XTH B 1 6 ? 0.511   -11.044 -4.971  0.34 58.48 ? 14  XTH B OP2   1 
HETATM 282 O  "O6'" A XTH B 1 6 ? -0.188  -11.027 -4.579  0.35 69.07 ? 14  XTH B "O6'" 1 
HETATM 283 O  "O6'" B XTH B 1 6 ? -0.204  -10.244 -2.762  0.65 58.06 ? 14  XTH B "O6'" 1 
HETATM 284 C  "C6'" A XTH B 1 6 ? -0.482  -11.150 -3.191  0.35 72.94 ? 14  XTH B "C6'" 1 
HETATM 285 C  "C6'" B XTH B 1 6 ? 0.037   -9.774  -1.458  0.65 58.06 ? 14  XTH B "C6'" 1 
HETATM 286 C  "C5'" A XTH B 1 6 ? -1.950  -11.503 -3.009  0.35 75.54 ? 14  XTH B "C5'" 1 
HETATM 287 C  "C5'" B XTH B 1 6 ? -1.288  -9.599  -0.763  0.65 56.81 ? 14  XTH B "C5'" 1 
HETATM 288 C  "C4'" A XTH B 1 6 ? -2.236  -13.003 -3.052  0.35 75.42 ? 14  XTH B "C4'" 1 
HETATM 289 C  "C4'" B XTH B 1 6 ? -1.826  -10.875 -0.162  0.65 57.41 ? 14  XTH B "C4'" 1 
HETATM 290 O  "O4'" A XTH B 1 6 ? -2.951  -13.368 -1.885  0.35 71.83 ? 14  XTH B "O4'" 1 
HETATM 291 O  "O4'" B XTH B 1 6 ? -0.825  -11.487 0.634   0.65 59.94 ? 14  XTH B "O4'" 1 
HETATM 292 C  "C3'" A XTH B 1 6 ? -3.007  -13.236 -4.348  0.35 77.83 ? 14  XTH B "C3'" 1 
HETATM 293 C  "C3'" B XTH B 1 6 ? -3.049  -10.418 0.592   0.65 54.94 ? 14  XTH B "C3'" 1 
HETATM 294 C  "C2'" A XTH B 1 6 ? -4.378  -12.565 -4.332  0.35 80.06 ? 14  XTH B "C2'" 1 
HETATM 295 C  "C2'" B XTH B 1 6 ? -4.109  -9.896  -0.367  0.65 51.65 ? 14  XTH B "C2'" 1 
HETATM 296 C  "C1'" A XTH B 1 6 ? -4.112  -11.143 -3.837  0.35 79.66 ? 14  XTH B "C1'" 1 
HETATM 297 C  "C1'" B XTH B 1 6 ? -3.463  -8.707  -1.075  0.65 49.39 ? 14  XTH B "C1'" 1 
HETATM 298 O  "O5'" A XTH B 1 6 ? -2.738  -10.908 -4.070  0.35 78.72 ? 14  XTH B "O5'" 1 
HETATM 299 O  "O5'" B XTH B 1 6 ? -2.289  -9.183  -1.727  0.65 54.29 ? 14  XTH B "O5'" 1 
HETATM 300 N  N1    A XTH B 1 6 ? -4.858  -10.018 -4.512  0.35 83.86 ? 14  XTH B N1    1 
HETATM 301 N  N1    B XTH B 1 6 ? -4.272  -8.081  -2.145  0.65 46.30 ? 14  XTH B N1    1 
HETATM 302 C  C2    A XTH B 1 6 ? -5.068  -8.863  -3.786  0.35 85.93 ? 14  XTH B C2    1 
HETATM 303 C  C2    B XTH B 1 6 ? -4.624  -6.769  -1.986  0.65 43.42 ? 14  XTH B C2    1 
HETATM 304 O  O2    A XTH B 1 6 ? -4.683  -8.730  -2.637  0.35 81.81 ? 14  XTH B O2    1 
HETATM 305 O  O2    B XTH B 1 6 ? -4.315  -6.138  -0.996  0.65 43.84 ? 14  XTH B O2    1 
HETATM 306 N  N3    A XTH B 1 6 ? -5.747  -7.852  -4.422  0.35 81.98 ? 14  XTH B N3    1 
HETATM 307 N  N3    B XTH B 1 6 ? -5.350  -6.203  -3.002  0.65 40.69 ? 14  XTH B N3    1 
HETATM 308 C  C4    A XTH B 1 6 ? -6.220  -7.923  -5.722  0.35 83.01 ? 14  XTH B C4    1 
HETATM 309 C  C4    B XTH B 1 6 ? -5.742  -6.877  -4.152  0.65 42.02 ? 14  XTH B C4    1 
HETATM 310 O  O4    A XTH B 1 6 ? -6.819  -6.977  -6.228  0.35 82.41 ? 14  XTH B O4    1 
HETATM 311 O  O4    B XTH B 1 6 ? -6.392  -6.328  -5.024  0.65 39.32 ? 14  XTH B O4    1 
HETATM 312 C  C5    A XTH B 1 6 ? -5.967  -9.153  -6.437  0.35 83.14 ? 14  XTH B C5    1 
HETATM 313 C  C5    B XTH B 1 6 ? -5.334  -8.258  -4.263  0.65 41.88 ? 14  XTH B C5    1 
HETATM 314 C  C5M   A XTH B 1 6 ? -6.443  -9.309  -7.851  0.35 81.94 ? 14  XTH B C5M   1 
HETATM 315 C  C5M   B XTH B 1 6 ? -5.731  -9.054  -5.467  0.65 42.42 ? 14  XTH B C5M   1 
HETATM 316 C  C6    A XTH B 1 6 ? -5.301  -10.139 -5.818  0.35 81.98 ? 14  XTH B C6    1 
HETATM 317 C  C6    B XTH B 1 6 ? -4.623  -8.801  -3.269  0.65 43.02 ? 14  XTH B C6    1 
HETATM 318 P  P     A XCT B 1 7 ? -2.277  -14.387 -0.874  0.35 68.09 ? 15  XCT B P     1 
HETATM 319 P  P     B XCT B 1 7 ? -0.684  -13.070 0.563   0.65 62.05 ? 15  XCT B P     1 
HETATM 320 O  OP1   A XCT B 1 7 ? -0.905  -14.631 -1.365  0.35 67.33 ? 15  XCT B OP1   1 
HETATM 321 O  OP1   B XCT B 1 7 ? 0.033   -13.488 1.786   0.65 62.35 ? 15  XCT B OP1   1 
HETATM 322 O  OP2   A XCT B 1 7 ? -3.209  -15.526 -0.722  0.35 68.11 ? 15  XCT B OP2   1 
HETATM 323 O  OP2   B XCT B 1 7 ? -0.131  -13.411 -0.767  0.65 62.08 ? 15  XCT B OP2   1 
HETATM 324 O  "O6'" A XCT B 1 7 ? -2.172  -13.654 0.557   0.35 63.64 ? 15  XCT B "O6'" 1 
HETATM 325 O  "O6'" B XCT B 1 7 ? -2.161  -13.671 0.614   0.65 60.66 ? 15  XCT B "O6'" 1 
HETATM 326 C  "C6'" . XCT B 1 7 ? -2.582  -14.329 1.760   1.00 58.67 ? 15  XCT B "C6'" 1 
HETATM 327 C  "C5'" . XCT B 1 7 ? -4.036  -14.037 2.102   1.00 52.65 ? 15  XCT B "C5'" 1 
HETATM 328 O  "O5'" . XCT B 1 7 ? -4.755  -13.494 0.954   1.00 45.75 ? 15  XCT B "O5'" 1 
HETATM 329 C  "C4'" . XCT B 1 7 ? -4.743  -15.303 2.525   1.00 49.00 ? 15  XCT B "C4'" 1 
HETATM 330 O  "O4'" . XCT B 1 7 ? -4.015  -15.879 3.594   1.00 45.94 ? 15  XCT B "O4'" 1 
HETATM 331 C  "C3'" . XCT B 1 7 ? -6.146  -14.907 2.906   1.00 46.20 ? 15  XCT B "C3'" 1 
HETATM 332 C  "C2'" . XCT B 1 7 ? -6.886  -14.359 1.716   1.00 43.05 ? 15  XCT B "C2'" 1 
HETATM 333 C  "C1'" . XCT B 1 7 ? -6.110  -13.107 1.290   1.00 40.42 ? 15  XCT B "C1'" 1 
HETATM 334 N  N1    . XCT B 1 7 ? -6.690  -12.504 0.115   1.00 36.78 ? 15  XCT B N1    1 
HETATM 335 C  C2    . XCT B 1 7 ? -7.033  -11.132 0.112   1.00 33.91 ? 15  XCT B C2    1 
HETATM 336 O  O2    . XCT B 1 7 ? -6.872  -10.480 1.145   1.00 31.42 ? 15  XCT B O2    1 
HETATM 337 C  C6    . XCT B 1 7 ? -6.838  -13.235 -1.006  1.00 37.71 ? 15  XCT B C6    1 
HETATM 338 C  C5    . XCT B 1 7 ? -7.338  -12.711 -2.107  1.00 34.67 ? 15  XCT B C5    1 
HETATM 339 C  C4    . XCT B 1 7 ? -7.690  -11.334 -2.109  1.00 35.59 ? 15  XCT B C4    1 
HETATM 340 N  N3    . XCT B 1 7 ? -7.573  -10.603 -1.011  1.00 32.02 ? 15  XCT B N3    1 
HETATM 341 N  N4    . XCT B 1 7 ? -8.198  -10.783 -3.202  1.00 34.63 ? 15  XCT B N4    1 
HETATM 342 P  P     . XGU B 1 8 ? -3.653  -17.437 3.491   1.00 44.61 ? 16  XGU B P     1 
HETATM 343 O  OP1   . XGU B 1 8 ? -2.940  -17.614 2.220   1.00 39.00 ? 16  XGU B OP1   1 
HETATM 344 O  OP2   . XGU B 1 8 ? -3.003  -17.841 4.752   1.00 48.73 ? 16  XGU B OP2   1 
HETATM 345 O  "O6'" . XGU B 1 8 ? -4.995  -18.228 3.341   1.00 45.82 ? 16  XGU B "O6'" 1 
HETATM 346 C  "C6'" . XGU B 1 8 ? -5.244  -19.298 4.090   1.00 42.22 ? 16  XGU B "C6'" 1 
HETATM 347 C  "C5'" . XGU B 1 8 ? -6.696  -19.600 3.957   1.00 37.05 ? 16  XGU B "C5'" 1 
HETATM 348 O  "O5'" . XGU B 1 8 ? -7.191  -19.105 2.695   1.00 31.87 ? 16  XGU B "O5'" 1 
HETATM 349 C  "C4'" . XGU B 1 8 ? -6.913  -21.093 3.994   1.00 37.12 ? 16  XGU B "C4'" 1 
HETATM 350 O  "O4'" . XGU B 1 8 ? -6.397  -21.558 5.190   1.00 38.95 ? 16  XGU B "O4'" 1 
HETATM 351 C  "C3'" . XGU B 1 8 ? -8.381  -21.415 3.830   1.00 38.83 ? 16  XGU B "C3'" 1 
HETATM 352 C  "C2'" . XGU B 1 8 ? -8.909  -20.793 2.539   1.00 37.70 ? 16  XGU B "C2'" 1 
HETATM 353 C  "C1'" . XGU B 1 8 ? -8.575  -19.313 2.532   1.00 35.79 ? 16  XGU B "C1'" 1 
HETATM 354 N  N9    . XGU B 1 8 ? -8.896  -18.672 1.291   1.00 34.08 ? 16  XGU B N9    1 
HETATM 355 C  C8    . XGU B 1 8 ? -8.687  -19.110 0.006   1.00 34.43 ? 16  XGU B C8    1 
HETATM 356 N  N7    . XGU B 1 8 ? -9.018  -18.148 -0.829  1.00 36.40 ? 16  XGU B N7    1 
HETATM 357 C  C4    . XGU B 1 8 ? -9.328  -17.398 1.249   1.00 34.50 ? 16  XGU B C4    1 
HETATM 358 C  C5    . XGU B 1 8 ? -9.412  -17.055 -0.068  1.00 31.75 ? 16  XGU B C5    1 
HETATM 359 N  N3    . XGU B 1 8 ? -9.600  -16.528 2.252   1.00 33.92 ? 16  XGU B N3    1 
HETATM 360 C  C2    . XGU B 1 8 ? -9.985  -15.296 1.943   1.00 35.57 ? 16  XGU B C2    1 
HETATM 361 N  N2    . XGU B 1 8 ? -10.312 -14.446 2.918   1.00 34.67 ? 16  XGU B N2    1 
HETATM 362 N  N1    . XGU B 1 8 ? -10.166 -14.927 0.629   1.00 34.76 ? 16  XGU B N1    1 
HETATM 363 C  C6    . XGU B 1 8 ? -9.850  -15.769 -0.400  1.00 36.93 ? 16  XGU B C6    1 
HETATM 364 O  O6    . XGU B 1 8 ? -9.943  -15.419 -1.574  1.00 34.64 ? 16  XGU B O6    1 
HETATM 365 MG MG    . MG  C 2 . ? -15.941 -3.328  1.187   0.50 30.42 ? 200 MG  A MG    1 
HETATM 366 O  O     . HOH D 3 . ? -17.504 -4.653  1.657   0.00 20.00 ? 201 HOH A O     1 
HETATM 367 O  O     . HOH D 3 . ? -16.540 -2.097  2.768   0.50 24.85 ? 202 HOH A O     1 
HETATM 368 O  O     . HOH D 3 . ? -14.434 -1.960  0.729   0.50 27.70 ? 203 HOH A O     1 
HETATM 369 O  O     . HOH D 3 . ? -15.341 -4.510  -0.349  0.50 28.17 ? 204 HOH A O     1 
HETATM 370 O  O     . HOH D 3 . ? -17.276 -2.327  -0.098  0.50 20.00 ? 205 HOH A O     1 
HETATM 371 O  O     . HOH D 3 . ? -11.058 -0.365  6.115   1.00 37.24 ? 206 HOH A O     1 
HETATM 372 O  O     . HOH D 3 . ? -6.866  -1.588  2.649   1.00 45.56 ? 207 HOH A O     1 
HETATM 373 O  O     . HOH D 3 . ? -7.531  -4.377  2.762   1.00 36.54 ? 208 HOH A O     1 
HETATM 374 O  O     . HOH D 3 . ? -12.529 -4.200  -0.404  1.00 33.26 ? 209 HOH A O     1 
HETATM 375 O  O     . HOH D 3 . ? -12.603 -6.689  -1.668  1.00 37.85 ? 210 HOH A O     1 
HETATM 376 O  O     . HOH D 3 . ? -2.172  7.444   5.466   1.00 51.00 ? 211 HOH A O     1 
HETATM 377 O  O     . HOH D 3 . ? -0.980  0.271   7.300   1.00 59.31 ? 212 HOH A O     1 
HETATM 378 O  O     . HOH D 3 . ? -19.921 -3.605  2.169   0.50 20.00 ? 213 HOH A O     1 
HETATM 379 O  O     . HOH D 3 . ? 12.281  7.083   2.367   1.00 52.06 ? 214 HOH A O     1 
HETATM 380 O  O     . HOH D 3 . ? -20.542 -7.461  2.382   1.00 51.69 ? 215 HOH A O     1 
HETATM 381 O  O     . HOH D 3 . ? 10.892  13.540  6.701   0.50 31.99 ? 216 HOH A O     1 
HETATM 382 O  O     . HOH D 3 . ? -6.360  6.465   4.627   1.00 49.72 ? 217 HOH A O     1 
HETATM 383 O  O     . HOH D 3 . ? 12.145  11.548  8.363   1.00 34.69 ? 218 HOH A O     1 
HETATM 384 O  O     . HOH D 3 . ? 5.911   6.822   12.138  0.50 43.52 ? 219 HOH A O     1 
HETATM 385 O  O     . HOH D 3 . ? 6.644   7.644   13.581  0.50 44.14 ? 220 HOH A O     1 
HETATM 386 O  O     . HOH D 3 . ? 6.138   13.916  5.874   1.00 36.86 ? 221 HOH A O     1 
HETATM 387 O  O     . HOH D 3 . ? 4.346   12.548  7.084   1.00 51.50 ? 222 HOH A O     1 
HETATM 388 O  O     . HOH D 3 . ? 0.100   9.177   12.488  0.50 46.79 ? 223 HOH A O     1 
HETATM 389 O  O     . HOH D 3 . ? -10.106 -4.883  -5.703  1.00 43.89 ? 224 HOH A O     1 
HETATM 390 O  O     . HOH D 3 . ? -14.279 -1.374  5.411   1.00 50.51 ? 225 HOH A O     1 
HETATM 391 O  O     . HOH D 3 . ? -5.271  -1.432  6.685   1.00 64.28 ? 226 HOH A O     1 
HETATM 392 O  O     . HOH D 3 . ? 9.393   8.516   12.039  1.00 51.06 ? 227 HOH A O     1 
HETATM 393 O  O     . HOH D 3 . ? 2.495   3.680   3.579   1.00 49.42 ? 228 HOH A O     1 
HETATM 394 O  O     . HOH D 3 . ? -13.460 -4.212  -5.543  1.00 52.48 ? 229 HOH A O     1 
HETATM 395 O  O     . HOH D 3 . ? -10.900 -4.887  6.186   1.00 57.08 ? 230 HOH A O     1 
HETATM 396 O  O     . HOH E 3 . ? 10.973  2.214   -12.046 1.00 50.08 ? 17  HOH B O     1 
HETATM 397 O  O     . HOH E 3 . ? 5.811   2.970   -2.621  1.00 44.93 ? 18  HOH B O     1 
HETATM 398 O  O     . HOH E 3 . ? 9.910   3.466   -2.294  1.00 54.42 ? 19  HOH B O     1 
HETATM 399 O  O     . HOH E 3 . ? 15.840  12.255  -3.920  1.00 52.60 ? 20  HOH B O     1 
HETATM 400 O  O     . HOH E 3 . ? -1.448  -0.132  -6.814  1.00 40.73 ? 21  HOH B O     1 
HETATM 401 O  O     . HOH E 3 . ? 9.250   11.349  -6.072  0.50 49.82 ? 22  HOH B O     1 
HETATM 402 O  O     . HOH E 3 . ? 0.916   11.892  -1.192  1.00 42.88 ? 23  HOH B O     1 
HETATM 403 O  O     . HOH E 3 . ? 12.779  16.040  -3.920  0.50 25.45 ? 24  HOH B O     1 
HETATM 404 O  O     . HOH E 3 . ? 1.614   -2.498  0.443   1.00 58.84 ? 25  HOH B O     1 
HETATM 405 O  O     . HOH E 3 . ? 12.291  12.811  -6.140  0.50 43.23 ? 26  HOH B O     1 
HETATM 406 O  O     . HOH E 3 . ? 3.437   14.261  0.066   0.50 24.98 ? 27  HOH B O     1 
HETATM 407 O  O     . HOH E 3 . ? 5.960   13.515  0.847   1.00 35.75 ? 28  HOH B O     1 
HETATM 408 O  O     . HOH E 3 . ? 3.579   12.484  -1.758  1.00 34.14 ? 29  HOH B O     1 
HETATM 409 O  O     . HOH E 3 . ? 4.372   13.942  -4.164  1.00 39.81 ? 30  HOH B O     1 
HETATM 410 O  O     . HOH E 3 . ? 13.842  6.524   -10.717 1.00 66.89 ? 31  HOH B O     1 
HETATM 411 O  O     . HOH E 3 . ? 7.762   9.883   -4.663  1.00 33.05 ? 32  HOH B O     1 
HETATM 412 O  O     . HOH E 3 . ? 10.785  12.592  -3.155  1.00 36.16 ? 33  HOH B O     1 
HETATM 413 O  O     . HOH E 3 . ? 8.393   11.313  -2.462  1.00 35.81 ? 34  HOH B O     1 
HETATM 414 O  O     . HOH E 3 . ? 6.834   4.168   -14.660 1.00 39.57 ? 35  HOH B O     1 
HETATM 415 O  O     . HOH E 3 . ? 7.687   4.715   -1.526  1.00 35.50 ? 36  HOH B O     1 
HETATM 416 O  O     . HOH E 3 . ? 9.401   2.691   -7.248  1.00 50.69 ? 37  HOH B O     1 
HETATM 417 O  O     . HOH E 3 . ? -1.422  12.555  -1.790  1.00 49.83 ? 38  HOH B O     1 
HETATM 418 O  O     . HOH E 3 . ? 6.974   -0.214  -9.296  0.50 40.14 ? 39  HOH B O     1 
HETATM 419 O  O     . HOH E 3 . ? 15.153  9.199   -0.251  1.00 37.91 ? 40  HOH B O     1 
HETATM 420 O  O     . HOH E 3 . ? 4.436   -8.508  -4.667  1.00 58.19 ? 41  HOH B O     1 
HETATM 421 O  O     . HOH E 3 . ? 1.297   -14.792 -4.500  0.50 48.03 ? 42  HOH B O     1 
HETATM 422 O  O     . HOH E 3 . ? 13.205  10.425  -7.297  0.50 49.32 ? 43  HOH B O     1 
HETATM 423 O  O     . HOH E 3 . ? -4.568  0.223   -7.983  1.00 45.38 ? 44  HOH B O     1 
HETATM 424 O  O     . HOH E 3 . ? 9.363   5.719   -10.703 1.00 45.32 ? 45  HOH B O     1 
HETATM 425 O  O     . HOH E 3 . ? -6.981  -16.144 -3.135  1.00 48.22 ? 46  HOH B O     1 
HETATM 426 O  O     . HOH E 3 . ? 8.185   9.025   -7.733  0.50 34.07 ? 47  HOH B O     1 
HETATM 427 O  O     . HOH E 3 . ? 3.579   16.308  -0.701  0.50 52.41 ? 48  HOH B O     1 
HETATM 428 O  O     . HOH E 3 . ? 9.635   -4.077  -10.807 1.00 66.03 ? 49  HOH B O     1 
HETATM 429 O  O     . HOH E 3 . ? 12.356  4.762   -4.775  1.00 61.31 ? 50  HOH B O     1 
HETATM 430 O  O     . HOH E 3 . ? -5.561  -18.504 0.517   1.00 46.36 ? 51  HOH B O     1 
HETATM 431 O  O     . HOH E 3 . ? -4.842  -11.758 -9.032  1.00 68.10 ? 52  HOH B O     1 
HETATM 432 O  O     . HOH E 3 . ? -0.662  -14.466 5.130   0.50 57.61 ? 53  HOH B O     1 
HETATM 433 O  O     . HOH E 3 . ? -1.550  -3.827  -9.958  1.00 51.28 ? 54  HOH B O     1 
HETATM 434 O  O     . HOH E 3 . ? -4.656  -9.508  2.765   1.00 57.95 ? 55  HOH B O     1 
HETATM 435 O  O     . HOH E 3 . ? -1.011  -4.757  -0.674  1.00 53.75 ? 56  HOH B O     1 
HETATM 436 O  O     . HOH E 3 . ? 11.335  10.959  -6.520  0.50 62.14 ? 57  HOH B O     1 
HETATM 437 O  O     . HOH E 3 . ? 2.036   6.419   -5.959  0.50 35.37 ? 58  HOH B O     1 
# 
loop_
_atom_site_anisotrop.id 
_atom_site_anisotrop.type_symbol 
_atom_site_anisotrop.pdbx_label_atom_id 
_atom_site_anisotrop.pdbx_label_alt_id 
_atom_site_anisotrop.pdbx_label_comp_id 
_atom_site_anisotrop.pdbx_label_asym_id 
_atom_site_anisotrop.pdbx_label_seq_id 
_atom_site_anisotrop.pdbx_PDB_ins_code 
_atom_site_anisotrop.U[1][1] 
_atom_site_anisotrop.U[2][2] 
_atom_site_anisotrop.U[3][3] 
_atom_site_anisotrop.U[1][2] 
_atom_site_anisotrop.U[1][3] 
_atom_site_anisotrop.U[2][3] 
_atom_site_anisotrop.pdbx_auth_seq_id 
_atom_site_anisotrop.pdbx_auth_comp_id 
_atom_site_anisotrop.pdbx_auth_asym_id 
_atom_site_anisotrop.pdbx_auth_atom_id 
1   O "O6'" . XCT A 1 ? 0.3890 0.3764 0.5428 0.0141  0.0534  -0.0174 1   XCT A "O6'" 
2   C "C6'" . XCT A 1 ? 0.4183 0.4200 0.4862 -0.0082 0.0224  0.0109  1   XCT A "C6'" 
3   C "C5'" . XCT A 1 ? 0.4392 0.4184 0.4679 -0.0028 0.0174  0.0172  1   XCT A "C5'" 
4   O "O5'" . XCT A 1 ? 0.4535 0.4426 0.5039 0.0052  0.0158  0.0452  1   XCT A "O5'" 
5   C "C4'" . XCT A 1 ? 0.4152 0.4365 0.4950 -0.0044 0.0223  0.0173  1   XCT A "C4'" 
6   O "O4'" . XCT A 1 ? 0.4223 0.3046 0.4847 0.0399  0.0675  0.0514  1   XCT A "O4'" 
7   C "C3'" . XCT A 1 ? 0.3970 0.3753 0.4567 0.0042  0.0291  0.0325  1   XCT A "C3'" 
8   C "C2'" . XCT A 1 ? 0.3960 0.3874 0.4537 -0.0053 0.0237  0.0166  1   XCT A "C2'" 
9   C "C1'" . XCT A 1 ? 0.4435 0.4186 0.4778 0.0067  0.0197  0.0177  1   XCT A "C1'" 
10  N N1    . XCT A 1 ? 0.5063 0.4134 0.5113 0.0060  -0.0050 0.0178  1   XCT A N1    
11  C C2    . XCT A 1 ? 0.5394 0.4146 0.4672 0.0258  0.0073  0.0183  1   XCT A C2    
12  O O2    . XCT A 1 ? 0.5024 0.2648 0.5075 0.0196  0.0159  0.0031  1   XCT A O2    
13  C C6    . XCT A 1 ? 0.5290 0.4319 0.4818 0.0035  0.0071  -0.0049 1   XCT A C6    
14  C C5    . XCT A 1 ? 0.5326 0.4806 0.4992 0.0170  0.0048  0.0071  1   XCT A C5    
15  C C4    . XCT A 1 ? 0.5318 0.4277 0.4520 0.0071  0.0181  0.0055  1   XCT A C4    
16  N N3    . XCT A 1 ? 0.5595 0.4216 0.5074 -0.0063 -0.0065 0.0248  1   XCT A N3    
17  N N4    . XCT A 1 ? 0.5760 0.4787 0.4946 -0.0094 0.0016  0.0074  1   XCT A N4    
18  P P     . XGU A 2 ? 0.4031 0.3474 0.5255 0.0596  0.0705  0.0534  2   XGU A P     
19  O OP1   . XGU A 2 ? 0.4384 0.4350 0.5629 0.0250  0.0521  0.0440  2   XGU A OP1   
20  O OP2   . XGU A 2 ? 0.4151 0.2782 0.4535 0.0374  0.0929  0.0560  2   XGU A OP2   
21  O "O6'" . XGU A 2 ? 0.4086 0.3338 0.5276 0.0267  0.0283  0.0601  2   XGU A "O6'" 
22  C "C6'" . XGU A 2 ? 0.4162 0.3686 0.4550 0.0534  0.0065  0.0277  2   XGU A "C6'" 
23  C "C5'" . XGU A 2 ? 0.4030 0.3120 0.4564 0.0487  -0.0024 0.0309  2   XGU A "C5'" 
24  O "O5'" . XGU A 2 ? 0.4391 0.3257 0.4938 0.0357  -0.0084 0.0684  2   XGU A "O5'" 
25  C "C4'" . XGU A 2 ? 0.4273 0.3305 0.4157 0.0202  -0.0074 0.0653  2   XGU A "C4'" 
26  O "O4'" . XGU A 2 ? 0.3848 0.3033 0.4746 0.0792  0.0441  0.0581  2   XGU A "O4'" 
27  C "C3'" . XGU A 2 ? 0.3708 0.3423 0.3877 0.0258  0.0125  0.0287  2   XGU A "C3'" 
28  C "C2'" . XGU A 2 ? 0.3928 0.3606 0.4334 0.0270  0.0145  0.0341  2   XGU A "C2'" 
29  C "C1'" . XGU A 2 ? 0.3917 0.3419 0.4173 0.0138  0.0092  0.0444  2   XGU A "C1'" 
30  N N9    . XGU A 2 ? 0.3477 0.2977 0.4524 0.0463  0.0384  0.0475  2   XGU A N9    
31  C C8    . XGU A 2 ? 0.3704 0.3425 0.4393 0.0266  0.0238  0.0028  2   XGU A C8    
32  N N7    . XGU A 2 ? 0.3732 0.3769 0.4754 -0.0091 0.0171  0.0427  2   XGU A N7    
33  C C4    . XGU A 2 ? 0.3631 0.2834 0.4242 0.0209  0.0364  0.0203  2   XGU A C4    
34  C C5    . XGU A 2 ? 0.3715 0.3050 0.4686 0.0398  0.0094  0.0173  2   XGU A C5    
35  N N3    . XGU A 2 ? 0.3413 0.2813 0.4867 0.0432  0.0265  0.0045  2   XGU A N3    
36  C C2    . XGU A 2 ? 0.3807 0.3127 0.4013 0.0275  0.0112  0.0040  2   XGU A C2    
37  N N2    . XGU A 2 ? 0.3943 0.3279 0.4351 0.0302  0.0168  0.0083  2   XGU A N2    
38  N N1    . XGU A 2 ? 0.3760 0.3388 0.4793 0.0207  0.0314  0.0025  2   XGU A N1    
39  C C6    . XGU A 2 ? 0.4180 0.3115 0.4302 0.0113  0.0052  -0.0150 2   XGU A C6    
40  O O6    . XGU A 2 ? 0.4260 0.3888 0.4853 0.0091  0.0083  -0.0071 2   XGU A O6    
41  P P     . XAD A 3 ? 0.3839 0.2518 0.5307 0.0508  0.0539  0.0122  3   XAD A P     
42  O OP1   . XAD A 3 ? 0.3283 0.2949 0.5169 0.0213  0.0269  0.0057  3   XAD A OP1   
43  O OP2   . XAD A 3 ? 0.3586 0.2905 0.4884 0.0446  0.0672  0.0018  3   XAD A OP2   
44  O "O6'" . XAD A 3 ? 0.3936 0.3421 0.4807 0.0131  0.0065  0.0310  3   XAD A "O6'" 
45  C "C6'" . XAD A 3 ? 0.4286 0.3862 0.4466 0.0082  -0.0015 0.0281  3   XAD A "C6'" 
46  C "C5'" . XAD A 3 ? 0.4353 0.4328 0.4643 0.0010  0.0037  0.0390  3   XAD A "C5'" 
47  C "C4'" . XAD A 3 ? 0.4589 0.4964 0.4959 -0.0065 -0.0102 0.0329  3   XAD A "C4'" 
48  O "O4'" . XAD A 3 ? 0.5069 0.5656 0.6138 -0.0203 -0.0056 0.0442  3   XAD A "O4'" 
49  C "C3'" . XAD A 3 ? 0.4268 0.4490 0.4926 -0.0037 0.0030  0.0260  3   XAD A "C3'" 
50  C "C2'" . XAD A 3 ? 0.4419 0.4532 0.4802 0.0012  -0.0041 0.0193  3   XAD A "C2'" 
51  C "C1'" . XAD A 3 ? 0.4498 0.4372 0.4592 -0.0078 0.0218  0.0110  3   XAD A "C1'" 
52  O "O5'" . XAD A 3 ? 0.4395 0.3493 0.4849 0.0163  0.0124  0.0356  3   XAD A "O5'" 
53  N N9    . XAD A 3 ? 0.3998 0.4377 0.4760 -0.0023 0.0104  0.0287  3   XAD A N9    
54  C C8    . XAD A 3 ? 0.4231 0.4595 0.4994 -0.0394 0.0289  0.0090  3   XAD A C8    
55  N N7    . XAD A 3 ? 0.3850 0.4363 0.4768 0.0023  0.0194  0.0212  3   XAD A N7    
56  C C5    . XAD A 3 ? 0.4073 0.4447 0.4845 -0.0626 0.0216  0.0317  3   XAD A C5    
57  C C4    . XAD A 3 ? 0.3828 0.4408 0.4938 -0.0253 0.0345  0.0061  3   XAD A C4    
58  C C6    . XAD A 3 ? 0.4358 0.4575 0.5035 -0.0273 0.0105  0.0220  3   XAD A C6    
59  N N6    . XAD A 3 ? 0.4820 0.5187 0.5481 -0.0113 0.0102  0.0092  3   XAD A N6    
60  N N1    . XAD A 3 ? 0.4577 0.4980 0.5329 -0.0236 0.0223  0.0225  3   XAD A N1    
61  C C2    . XAD A 3 ? 0.4265 0.4557 0.4939 -0.0279 0.0101  0.0326  3   XAD A C2    
62  N N3    . XAD A 3 ? 0.4369 0.4804 0.5150 -0.0597 0.0305  0.0193  3   XAD A N3    
63  P P     . XAD A 4 ? 0.5373 0.6366 0.6415 -0.0388 0.0203  0.0543  4   XAD A P     
64  O OP1   . XAD A 4 ? 0.4181 0.6436 0.6352 0.0153  0.0789  0.0069  4   XAD A OP1   
65  O OP2   . XAD A 4 ? 0.5628 0.6705 0.6802 -0.0342 0.0201  0.0637  4   XAD A OP2   
66  O "O6'" . XAD A 4 ? 0.4826 0.6130 0.5597 -0.0161 0.0224  0.0511  4   XAD A "O6'" 
67  C "C6'" . XAD A 4 ? 0.5182 0.5656 0.5623 -0.0093 0.0057  0.0311  4   XAD A "C6'" 
68  C "C5'" . XAD A 4 ? 0.4811 0.5553 0.5301 -0.0096 0.0088  0.0247  4   XAD A "C5'" 
69  C "C4'" . XAD A 4 ? 0.5387 0.5732 0.5566 -0.0082 0.0193  0.0254  4   XAD A "C4'" 
70  O "O4'" . XAD A 4 ? 0.5533 0.6245 0.5954 -0.0255 -0.0099 0.0219  4   XAD A "O4'" 
71  C "C3'" . XAD A 4 ? 0.5112 0.5321 0.5491 -0.0079 -0.0005 0.0141  4   XAD A "C3'" 
72  C "C2'" . XAD A 4 ? 0.4997 0.5062 0.5148 -0.0042 0.0238  0.0135  4   XAD A "C2'" 
73  C "C1'" . XAD A 4 ? 0.4357 0.5336 0.5010 -0.0051 0.0130  0.0071  4   XAD A "C1'" 
74  O "O5'" . XAD A 4 ? 0.4493 0.5566 0.5419 -0.0245 0.0127  0.0367  4   XAD A "O5'" 
75  N N9    . XAD A 4 ? 0.3946 0.5258 0.4726 -0.0180 0.0294  0.0344  4   XAD A N9    
76  C C8    . XAD A 4 ? 0.3932 0.4614 0.4526 -0.0098 0.0446  0.0247  4   XAD A C8    
77  N N7    . XAD A 4 ? 0.3778 0.4926 0.4923 -0.0216 0.0083  0.0462  4   XAD A N7    
78  C C5    . XAD A 4 ? 0.3603 0.4984 0.4593 -0.0281 0.0335  0.0319  4   XAD A C5    
79  C C4    . XAD A 4 ? 0.3993 0.4906 0.4965 -0.0060 0.0276  0.0419  4   XAD A C4    
80  C C6    . XAD A 4 ? 0.3748 0.5034 0.4861 -0.0232 0.0166  0.0268  4   XAD A C6    
81  N N6    . XAD A 4 ? 0.4293 0.5136 0.4766 0.0118  0.0200  0.0260  4   XAD A N6    
82  N N1    . XAD A 4 ? 0.3720 0.5289 0.4819 -0.0045 0.0427  0.0518  4   XAD A N1    
83  C C2    . XAD A 4 ? 0.3624 0.4784 0.4522 -0.0107 0.0201  0.0189  4   XAD A C2    
84  N N3    . XAD A 4 ? 0.3948 0.5190 0.5068 -0.0151 0.0375  0.0460  4   XAD A N3    
85  P P     . XTH A 5 ? 0.5836 0.6349 0.6353 -0.0434 -0.0082 0.0228  5   XTH A P     
86  O OP1   . XTH A 5 ? 0.5894 0.6315 0.6207 -0.0355 0.0000  0.0341  5   XTH A OP1   
87  O OP2   . XTH A 5 ? 0.5546 0.6254 0.6058 -0.0343 0.0015  0.0212  5   XTH A OP2   
88  O "O6'" . XTH A 5 ? 0.6163 0.6479 0.6185 -0.0378 0.0207  0.0205  5   XTH A "O6'" 
89  C "C6'" . XTH A 5 ? 0.6237 0.6379 0.6453 -0.0090 -0.0051 0.0006  5   XTH A "C6'" 
90  C "C5'" . XTH A 5 ? 0.6274 0.6576 0.6483 -0.0118 0.0104  0.0121  5   XTH A "C5'" 
91  C "C4'" . XTH A 5 ? 0.6586 0.6739 0.6704 -0.0159 0.0135  0.0067  5   XTH A "C4'" 
92  O "O4'" . XTH A 5 ? 0.6976 0.7426 0.7098 -0.0188 -0.0012 0.0044  5   XTH A "O4'" 
93  C "C3'" . XTH A 5 ? 0.6345 0.6503 0.6502 -0.0115 0.0006  0.0038  5   XTH A "C3'" 
94  C "C2'" . XTH A 5 ? 0.5732 0.5998 0.6143 -0.0114 0.0190  -0.0013 5   XTH A "C2'" 
95  C "C1'" . XTH A 5 ? 0.5577 0.6054 0.5925 -0.0136 0.0180  0.0082  5   XTH A "C1'" 
96  O "O5'" . XTH A 5 ? 0.5726 0.6228 0.6410 -0.0173 0.0348  0.0053  5   XTH A "O5'" 
97  N N1    . XTH A 5 ? 0.4850 0.5625 0.5783 -0.0251 0.0342  0.0105  5   XTH A N1    
98  C C2    . XTH A 5 ? 0.4715 0.5416 0.5539 -0.0312 0.0312  0.0186  5   XTH A C2    
99  O O2    . XTH A 5 ? 0.4846 0.5744 0.6040 -0.0355 0.0609  0.0334  5   XTH A O2    
100 N N3    . XTH A 5 ? 0.4181 0.5066 0.5076 -0.0358 0.0633  0.0195  5   XTH A N3    
101 C C4    . XTH A 5 ? 0.4594 0.5305 0.5265 -0.0354 0.0477  0.0284  5   XTH A C4    
102 O O4    . XTH A 5 ? 0.4563 0.5189 0.5125 -0.0015 0.0750  0.0042  5   XTH A O4    
103 C C5    . XTH A 5 ? 0.4733 0.5289 0.5254 -0.0272 0.0337  0.0111  5   XTH A C5    
104 C C5M   . XTH A 5 ? 0.5119 0.5518 0.5630 -0.0184 0.0083  0.0052  5   XTH A C5M   
105 C C6    . XTH A 5 ? 0.4707 0.5167 0.5423 -0.0212 0.0381  0.0032  5   XTH A C6    
106 P P     . XTH A 6 ? 0.6816 0.7539 0.6824 -0.0175 0.0226  -0.0263 6   XTH A P     
107 O OP1   . XTH A 6 ? 0.6882 0.7350 0.7191 -0.0285 -0.0021 -0.0068 6   XTH A OP1   
108 O OP2   . XTH A 6 ? 0.7612 0.7527 0.7275 0.0041  0.0001  -0.0106 6   XTH A OP2   
109 O "O6'" . XTH A 6 ? 0.7079 0.7621 0.7145 -0.0038 0.0132  -0.0174 6   XTH A "O6'" 
110 C "C6'" . XTH A 6 ? 0.6975 0.7195 0.7011 -0.0028 0.0077  0.0052  6   XTH A "C6'" 
111 C "C5'" . XTH A 6 ? 0.6542 0.6828 0.6733 -0.0045 0.0090  -0.0008 6   XTH A "C5'" 
112 C "C4'" . XTH A 6 ? 0.6396 0.6668 0.6290 -0.0031 0.0046  0.0056  6   XTH A "C4'" 
113 O "O4'" . XTH A 6 ? 0.6197 0.6679 0.6333 -0.0300 0.0059  0.0235  6   XTH A "O4'" 
114 C "C3'" . XTH A 6 ? 0.6057 0.6239 0.6286 -0.0085 0.0107  0.0095  6   XTH A "C3'" 
115 C "C2'" . XTH A 6 ? 0.5880 0.6253 0.6087 -0.0131 0.0183  0.0026  6   XTH A "C2'" 
116 C "C1'" . XTH A 6 ? 0.5882 0.6083 0.5798 -0.0026 -0.0016 0.0058  6   XTH A "C1'" 
117 O "O5'" . XTH A 6 ? 0.6129 0.6955 0.6543 0.0046  0.0301  0.0081  6   XTH A "O5'" 
118 N N1    . XTH A 6 ? 0.4929 0.5723 0.5415 -0.0145 0.0294  -0.0095 6   XTH A N1    
119 C C2    . XTH A 6 ? 0.4599 0.5278 0.5057 -0.0187 0.0252  -0.0048 6   XTH A C2    
120 O O2    . XTH A 6 ? 0.5280 0.5646 0.5416 -0.0231 0.0374  -0.0138 6   XTH A O2    
121 N N3    . XTH A 6 ? 0.4452 0.5353 0.4796 -0.0298 0.0431  -0.0133 6   XTH A N3    
122 C C4    . XTH A 6 ? 0.4602 0.5043 0.4816 -0.0162 0.0350  0.0095  6   XTH A C4    
123 O O4    . XTH A 6 ? 0.4657 0.5623 0.4701 -0.0158 0.0560  -0.0265 6   XTH A O4    
124 C C5    . XTH A 6 ? 0.5079 0.5336 0.5147 -0.0109 0.0122  0.0015  6   XTH A C5    
125 C C5M   . XTH A 6 ? 0.5167 0.5406 0.5180 0.0013  0.0036  -0.0098 6   XTH A C5M   
126 C C6    . XTH A 6 ? 0.4666 0.5294 0.4919 -0.0141 0.0199  -0.0104 6   XTH A C6    
127 P P     . XCT A 7 ? 0.5764 0.6435 0.6196 -0.0463 0.0054  0.0233  7   XCT A P     
128 O OP1   . XCT A 7 ? 0.6018 0.6806 0.6214 -0.0279 -0.0176 0.0317  7   XCT A OP1   
129 O OP2   . XCT A 7 ? 0.4944 0.6341 0.5588 0.0070  0.0507  -0.0085 7   XCT A OP2   
130 O "O6'" . XCT A 7 ? 0.5269 0.5821 0.5607 -0.0098 0.0164  0.0086  7   XCT A "O6'" 
131 C "C6'" . XCT A 7 ? 0.5033 0.4911 0.5013 0.0005  0.0018  0.0087  7   XCT A "C6'" 
132 C "C5'" . XCT A 7 ? 0.4154 0.4736 0.4775 -0.0030 -0.0092 -0.0038 7   XCT A "C5'" 
133 O "O5'" . XCT A 7 ? 0.3998 0.4158 0.4663 0.0007  0.0111  -0.0391 7   XCT A "O5'" 
134 C "C4'" . XCT A 7 ? 0.4446 0.4561 0.4799 -0.0106 -0.0157 -0.0098 7   XCT A "C4'" 
135 O "O4'" . XCT A 7 ? 0.4261 0.4288 0.5568 -0.0020 -0.0281 -0.0001 7   XCT A "O4'" 
136 C "C3'" . XCT A 7 ? 0.4214 0.4136 0.4450 -0.0019 -0.0049 -0.0141 7   XCT A "C3'" 
137 C "C2'" . XCT A 7 ? 0.3826 0.4187 0.4241 0.0059  -0.0028 -0.0212 7   XCT A "C2'" 
138 C "C1'" . XCT A 7 ? 0.4094 0.3998 0.4291 0.0005  0.0083  -0.0110 7   XCT A "C1'" 
139 N N1    . XCT A 7 ? 0.4098 0.4000 0.4403 0.0031  0.0186  -0.0600 7   XCT A N1    
140 C C2    . XCT A 7 ? 0.4126 0.4135 0.4302 0.0237  0.0085  -0.0183 7   XCT A C2    
141 O O2    . XCT A 7 ? 0.4213 0.3872 0.4320 -0.0110 0.0037  -0.0639 7   XCT A O2    
142 C C6    . XCT A 7 ? 0.4545 0.4417 0.4666 0.0228  0.0052  -0.0447 7   XCT A C6    
143 C C5    . XCT A 7 ? 0.4302 0.3907 0.4213 0.0351  0.0092  -0.0201 7   XCT A C5    
144 C C4    . XCT A 7 ? 0.4380 0.3916 0.4080 0.0124  0.0013  -0.0294 7   XCT A C4    
145 N N3    . XCT A 7 ? 0.3971 0.3752 0.4067 -0.0001 0.0159  -0.0372 7   XCT A N3    
146 N N4    . XCT A 7 ? 0.4353 0.4083 0.3946 0.0169  0.0050  -0.0644 7   XCT A N4    
147 P P     . XGU A 8 ? 0.4680 0.5005 0.5604 0.0142  -0.0282 0.0100  8   XGU A P     
148 O OP1   . XGU A 8 ? 0.5292 0.5144 0.5413 -0.0233 -0.0039 -0.0113 8   XGU A OP1   
149 O OP2   . XGU A 8 ? 0.4840 0.4450 0.5661 0.0075  -0.0515 0.0297  8   XGU A OP2   
150 O "O6'" . XGU A 8 ? 0.5282 0.5012 0.5793 -0.0026 -0.0105 0.0186  8   XGU A "O6'" 
151 C "C6'" . XGU A 8 ? 0.5390 0.5111 0.5578 0.0013  -0.0006 0.0102  8   XGU A "C6'" 
152 C "C5'" . XGU A 8 ? 0.5198 0.5081 0.5718 0.0090  -0.0227 0.0073  8   XGU A "C5'" 
153 O "O5'" . XGU A 8 ? 0.4605 0.4554 0.5379 0.0038  -0.0227 0.0115  8   XGU A "O5'" 
154 C "C4'" . XGU A 8 ? 0.5553 0.5293 0.5620 0.0038  -0.0143 0.0157  8   XGU A "C4'" 
155 O "O4'" . XGU A 8 ? 0.5883 0.5773 0.6593 -0.0007 -0.0362 0.0201  8   XGU A "O4'" 
156 C "C3'" . XGU A 8 ? 0.5049 0.4817 0.5222 0.0053  -0.0217 -0.0066 8   XGU A "C3'" 
157 C "C2'" . XGU A 8 ? 0.4660 0.4285 0.4692 0.0157  -0.0207 -0.0293 8   XGU A "C2'" 
158 C "C1'" . XGU A 8 ? 0.4314 0.4134 0.4755 0.0276  -0.0248 -0.0049 8   XGU A "C1'" 
159 N N9    . XGU A 8 ? 0.4257 0.3616 0.4695 0.0396  -0.0214 -0.0256 8   XGU A N9    
160 C C8    . XGU A 8 ? 0.4525 0.3919 0.4574 0.0394  -0.0121 -0.0442 8   XGU A C8    
161 N N7    . XGU A 8 ? 0.4306 0.2915 0.4551 0.0885  -0.0276 -0.0452 8   XGU A N7    
162 C C4    . XGU A 8 ? 0.4186 0.3535 0.4517 0.0377  -0.0291 -0.0460 8   XGU A C4    
163 C C5    . XGU A 8 ? 0.4143 0.3384 0.4725 0.0362  -0.0249 -0.0272 8   XGU A C5    
164 N N3    . XGU A 8 ? 0.4079 0.3581 0.4708 0.0379  -0.0209 -0.0201 8   XGU A N3    
165 C C2    . XGU A 8 ? 0.4195 0.3661 0.4447 0.0180  -0.0277 -0.0414 8   XGU A C2    
166 N N2    . XGU A 8 ? 0.4223 0.3374 0.4545 0.0428  -0.0108 -0.0374 8   XGU A N2    
167 N N1    . XGU A 8 ? 0.4125 0.3180 0.4983 0.0126  -0.0269 -0.0459 8   XGU A N1    
168 C C6    . XGU A 8 ? 0.4534 0.3580 0.4543 0.0385  -0.0194 -0.0319 8   XGU A C6    
169 O O6    . XGU A 8 ? 0.4358 0.3664 0.4915 0.0378  -0.0191 -0.0343 8   XGU A O6    
170 O "O6'" . XCT B 1 ? 0.4450 0.5039 0.5499 -0.0452 -0.0258 -0.0117 9   XCT B "O6'" 
171 C "C6'" . XCT B 1 ? 0.4309 0.3929 0.4722 0.0090  0.0237  -0.0518 9   XCT B "C6'" 
172 C "C5'" . XCT B 1 ? 0.4057 0.3681 0.4365 -0.0083 0.0155  -0.0774 9   XCT B "C5'" 
173 O "O5'" . XCT B 1 ? 0.3911 0.3752 0.4414 -0.0065 0.0268  -0.0765 9   XCT B "O5'" 
174 C "C4'" . XCT B 1 ? 0.4128 0.3803 0.4407 -0.0124 0.0062  -0.0811 9   XCT B "C4'" 
175 O "O4'" . XCT B 1 ? 0.3865 0.4640 0.5096 0.0087  0.0358  -0.0882 9   XCT B "O4'" 
176 C "C3'" . XCT B 1 ? 0.4268 0.3913 0.4442 0.0020  0.0060  -0.0659 9   XCT B "C3'" 
177 C "C2'" . XCT B 1 ? 0.4000 0.3723 0.4442 0.0064  0.0333  -0.0380 9   XCT B "C2'" 
178 C "C1'" . XCT B 1 ? 0.4099 0.3647 0.4185 0.0146  0.0162  -0.0629 9   XCT B "C1'" 
179 N N1    . XCT B 1 ? 0.3465 0.3190 0.4250 0.0093  0.0383  -0.0745 9   XCT B N1    
180 C C2    . XCT B 1 ? 0.3726 0.3683 0.4112 0.0447  0.0215  -0.0648 9   XCT B C2    
181 O O2    . XCT B 1 ? 0.3639 0.3581 0.4787 0.0019  -0.0013 -0.0634 9   XCT B O2    
182 C C6    . XCT B 1 ? 0.3880 0.3712 0.4509 0.0053  0.0021  -0.0326 9   XCT B C6    
183 C C5    . XCT B 1 ? 0.4048 0.3741 0.4086 0.0333  0.0252  -0.0635 9   XCT B C5    
184 C C4    . XCT B 1 ? 0.3505 0.3755 0.4392 0.0215  0.0106  -0.0620 9   XCT B C4    
185 N N3    . XCT B 1 ? 0.3715 0.3333 0.4411 0.0170  0.0113  -0.0756 9   XCT B N3    
186 N N4    . XCT B 1 ? 0.3952 0.3899 0.4301 0.0220  0.0043  -0.0595 9   XCT B N4    
187 P P     . XGU B 2 ? 0.4419 0.3495 0.4995 -0.0002 0.0651  -0.1621 10  XGU B P     
188 O OP1   . XGU B 2 ? 0.4313 0.4651 0.5319 0.0119  0.0833  -0.1438 10  XGU B OP1   
189 O OP2   . XGU B 2 ? 0.4417 0.4593 0.5354 -0.0273 0.0684  -0.0659 10  XGU B OP2   
190 O "O6'" . XGU B 2 ? 0.4258 0.4195 0.4916 -0.0342 0.0396  -0.1001 10  XGU B "O6'" 
191 C "C6'" . XGU B 2 ? 0.4425 0.4165 0.4499 -0.0008 0.0156  -0.0450 10  XGU B "C6'" 
192 C "C5'" . XGU B 2 ? 0.4019 0.3541 0.4227 0.0011  0.0270  -0.0751 10  XGU B "C5'" 
193 O "O5'" . XGU B 2 ? 0.3884 0.2776 0.4464 0.0175  0.0335  -0.1100 10  XGU B "O5'" 
194 C "C4'" . XGU B 2 ? 0.4065 0.3534 0.4380 0.0073  0.0228  -0.0624 10  XGU B "C4'" 
195 O "O4'" . XGU B 2 ? 0.4016 0.3998 0.4455 0.0003  0.0436  -0.0793 10  XGU B "O4'" 
196 C "C3'" . XGU B 2 ? 0.4065 0.3395 0.3969 0.0040  0.0243  -0.0770 10  XGU B "C3'" 
197 C "C2'" . XGU B 2 ? 0.3403 0.2960 0.3628 0.0070  0.0433  -0.0694 10  XGU B "C2'" 
198 C "C1'" . XGU B 2 ? 0.3552 0.3370 0.3958 -0.0163 0.0321  -0.0492 10  XGU B "C1'" 
199 N N9    . XGU B 2 ? 0.3669 0.3777 0.3941 -0.0343 0.0310  -0.0492 10  XGU B N9    
200 C C8    . XGU B 2 ? 0.3845 0.3944 0.4103 -0.0108 0.0123  -0.0211 10  XGU B C8    
201 N N7    . XGU B 2 ? 0.4098 0.3926 0.3458 -0.0242 0.0211  -0.0446 10  XGU B N7    
202 C C4    . XGU B 2 ? 0.3746 0.3803 0.3866 -0.0230 0.0466  -0.0089 10  XGU B C4    
203 C C5    . XGU B 2 ? 0.3608 0.3513 0.3683 -0.0217 0.0451  -0.0268 10  XGU B C5    
204 N N3    . XGU B 2 ? 0.3444 0.3759 0.3432 -0.0362 0.0453  -0.0331 10  XGU B N3    
205 C C2    . XGU B 2 ? 0.4047 0.4208 0.4180 -0.0107 0.0174  -0.0086 10  XGU B C2    
206 N N2    . XGU B 2 ? 0.4167 0.4004 0.3887 -0.0049 0.0078  -0.0132 10  XGU B N2    
207 N N1    . XGU B 2 ? 0.3646 0.3902 0.3642 -0.0241 0.0125  -0.0357 10  XGU B N1    
208 C C6    . XGU B 2 ? 0.3916 0.3940 0.4025 -0.0270 0.0345  -0.0078 10  XGU B C6    
209 O O6    . XGU B 2 ? 0.4214 0.4080 0.4058 -0.0069 0.0411  -0.0653 10  XGU B O6    
210 P P     . XAD B 3 ? 0.3917 0.3510 0.4341 0.0124  0.0577  -0.0851 11  XAD B P     
211 O OP1   . XAD B 3 ? 0.4018 0.3809 0.4626 -0.0043 0.0680  -0.0430 11  XAD B OP1   
212 O OP2   . XAD B 3 ? 0.3576 0.4080 0.4693 0.0111  0.0508  -0.1112 11  XAD B OP2   
213 O "O6'" . XAD B 3 ? 0.4204 0.3797 0.4127 -0.0136 0.0403  -0.0383 11  XAD B "O6'" 
214 C "C6'" . XAD B 3 ? 0.3718 0.3398 0.3766 -0.0017 0.0094  -0.0402 11  XAD B "C6'" 
215 C "C5'" . XAD B 3 ? 0.4032 0.3763 0.4268 -0.0289 0.0125  -0.0226 11  XAD B "C5'" 
216 C "C4'" . XAD B 3 ? 0.4391 0.4078 0.4762 -0.0170 -0.0047 -0.0101 11  XAD B "C4'" 
217 O "O4'" . XAD B 3 ? 0.4677 0.4272 0.4956 -0.0460 -0.0088 -0.0233 11  XAD B "O4'" 
218 C "C3'" . XAD B 3 ? 0.4404 0.4085 0.4473 -0.0174 0.0094  -0.0128 11  XAD B "C3'" 
219 C "C2'" . XAD B 3 ? 0.3494 0.3532 0.3904 -0.0102 0.0047  -0.0225 11  XAD B "C2'" 
220 C "C1'" . XAD B 3 ? 0.3929 0.4082 0.4392 -0.0326 0.0200  -0.0195 11  XAD B "C1'" 
221 O "O5'" . XAD B 3 ? 0.3900 0.3246 0.4286 -0.0372 0.0268  -0.0740 11  XAD B "O5'" 
222 N N9    . XAD B 3 ? 0.3863 0.4077 0.4455 -0.0224 0.0264  -0.0054 11  XAD B N9    
223 C C8    . XAD B 3 ? 0.3493 0.3892 0.4458 -0.0536 0.0009  -0.0010 11  XAD B C8    
224 N N7    . XAD B 3 ? 0.3634 0.4167 0.4337 -0.0404 0.0403  -0.0026 11  XAD B N7    
225 C C5    . XAD B 3 ? 0.3919 0.4091 0.4929 -0.0434 0.0325  0.0012  11  XAD B C5    
226 C C4    . XAD B 3 ? 0.3971 0.4071 0.4594 -0.0502 0.0193  -0.0136 11  XAD B C4    
227 C C6    . XAD B 3 ? 0.3945 0.4511 0.4622 -0.0395 0.0174  0.0100  11  XAD B C6    
228 N N6    . XAD B 3 ? 0.4163 0.4683 0.4856 -0.0442 0.0186  0.0147  11  XAD B N6    
229 N N1    . XAD B 3 ? 0.4464 0.4406 0.4985 -0.0463 0.0461  0.0144  11  XAD B N1    
230 C C2    . XAD B 3 ? 0.4165 0.4418 0.4438 -0.0096 0.0176  -0.0003 11  XAD B C2    
231 N N3    . XAD B 3 ? 0.4447 0.4744 0.4916 -0.0091 0.0501  -0.0060 11  XAD B N3    
232 P P     . XAD B 4 ? 0.4299 0.5540 0.5577 -0.0207 0.0051  0.0244  12  XAD B P     
233 O OP1   . XAD B 4 ? 0.4733 0.5457 0.5714 -0.0189 0.0011  0.0092  12  XAD B OP1   
234 O OP2   . XAD B 4 ? 0.4712 0.5493 0.5511 -0.0112 0.0330  -0.0150 12  XAD B OP2   
235 O "O6'" . XAD B 4 ? 0.4168 0.4348 0.5288 0.0132  0.0281  -0.0092 12  XAD B "O6'" 
236 C "C6'" . XAD B 4 ? 0.4554 0.4686 0.5238 0.0117  0.0115  0.0061  12  XAD B "C6'" 
237 C "C5'" . XAD B 4 ? 0.4555 0.4817 0.5229 0.0074  0.0099  0.0167  12  XAD B "C5'" 
238 C "C4'" . XAD B 4 ? 0.4885 0.5193 0.5492 0.0025  -0.0059 0.0038  12  XAD B "C4'" 
239 O "O4'" . XAD B 4 ? 0.5109 0.5220 0.5959 0.0031  0.0017  0.0028  12  XAD B "O4'" 
240 C "C3'" . XAD B 4 ? 0.5005 0.5072 0.5281 0.0092  0.0150  0.0062  12  XAD B "C3'" 
241 C "C2'" . XAD B 4 ? 0.4684 0.4945 0.5163 0.0094  0.0047  -0.0018 12  XAD B "C2'" 
242 C "C1'" . XAD B 4 ? 0.3994 0.4417 0.4952 0.0036  0.0403  0.0223  12  XAD B "C1'" 
243 O "O5'" . XAD B 4 ? 0.3946 0.4647 0.5661 0.0101  0.0010  0.0089  12  XAD B "O5'" 
244 N N9    . XAD B 4 ? 0.4029 0.4383 0.5145 0.0061  0.0557  0.0057  12  XAD B N9    
245 C C8    . XAD B 4 ? 0.3536 0.4358 0.4519 -0.0091 0.0395  -0.0160 12  XAD B C8    
246 N N7    . XAD B 4 ? 0.4103 0.4317 0.4709 -0.0021 0.0441  0.0079  12  XAD B N7    
247 C C5    . XAD B 4 ? 0.3896 0.4265 0.4897 -0.0170 0.0488  0.0103  12  XAD B C5    
248 C C4    . XAD B 4 ? 0.3744 0.4564 0.4764 0.0039  0.0368  0.0035  12  XAD B C4    
249 C C6    . XAD B 4 ? 0.3472 0.4367 0.4549 -0.0170 0.0591  0.0168  12  XAD B C6    
250 N N6    . XAD B 4 ? 0.4414 0.4449 0.4822 -0.0016 0.0375  0.0239  12  XAD B N6    
251 N N1    . XAD B 4 ? 0.3669 0.4233 0.4485 -0.0176 0.0560  0.0352  12  XAD B N1    
252 C C2    . XAD B 4 ? 0.4152 0.4686 0.4985 -0.0001 0.0273  0.0074  12  XAD B C2    
253 N N3    . XAD B 4 ? 0.3561 0.4002 0.4588 0.0023  0.0579  0.0079  12  XAD B N3    
254 P P     . XTH B 5 ? 0.5127 0.5124 0.6638 0.0623  0.0166  0.0091  13  XTH B P     
255 O OP1   . XTH B 5 ? 0.5492 0.5822 0.6593 0.0400  -0.0200 0.0034  13  XTH B OP1   
256 O OP2   . XTH B 5 ? 0.4834 0.4980 0.5643 0.0389  -0.0071 -0.0294 13  XTH B OP2   
257 O "O6'" . XTH B 5 ? 0.5657 0.5612 0.6680 0.0143  -0.0051 -0.0034 13  XTH B "O6'" 
258 C "C6'" . XTH B 5 ? 0.6472 0.6464 0.6735 0.0109  0.0074  -0.0002 13  XTH B "C6'" 
259 C "C5'" . XTH B 5 ? 0.6591 0.6852 0.7018 -0.0047 -0.0020 0.0071  13  XTH B "C5'" 
260 C "C4'" . XTH B 5 ? 0.7178 0.7233 0.7358 -0.0040 0.0032  -0.0044 13  XTH B "C4'" 
261 O "O4'" A XTH B 5 ? 0.7695 0.7822 0.8029 0.0024  -0.0007 0.0062  13  XTH B "O4'" 
262 O "O4'" B XTH B 5 ? 0.7256 0.7294 0.7545 -0.0002 0.0044  0.0002  13  XTH B "O4'" 
263 C "C3'" . XTH B 5 ? 0.7117 0.7129 0.7242 0.0016  -0.0003 -0.0004 13  XTH B "C3'" 
264 C "C2'" . XTH B 5 ? 0.6691 0.6749 0.6897 -0.0045 0.0003  -0.0085 13  XTH B "C2'" 
265 C "C1'" . XTH B 5 ? 0.6109 0.6559 0.6682 -0.0061 -0.0073 0.0046  13  XTH B "C1'" 
266 O "O5'" . XTH B 5 ? 0.5999 0.6453 0.6855 -0.0163 0.0090  -0.0144 13  XTH B "O5'" 
267 N N1    . XTH B 5 ? 0.5128 0.6054 0.6188 -0.0363 0.0147  0.0074  13  XTH B N1    
268 C C2    . XTH B 5 ? 0.4711 0.5932 0.5860 -0.0244 0.0307  0.0120  13  XTH B C2    
269 O O2    . XTH B 5 ? 0.4387 0.5849 0.5980 -0.0283 0.0330  0.0176  13  XTH B O2    
270 N N3    . XTH B 5 ? 0.4254 0.5706 0.5718 -0.0427 0.0287  0.0075  13  XTH B N3    
271 C C4    . XTH B 5 ? 0.4753 0.6071 0.5952 -0.0147 0.0164  0.0097  13  XTH B C4    
272 O O4    . XTH B 5 ? 0.4836 0.6468 0.6412 0.0021  0.0298  0.0080  13  XTH B O4    
273 C C5    . XTH B 5 ? 0.5080 0.5903 0.6023 -0.0122 0.0069  0.0050  13  XTH B C5    
274 C C5M   . XTH B 5 ? 0.5430 0.5788 0.6039 0.0088  0.0056  -0.0114 13  XTH B C5M   
275 C C6    . XTH B 5 ? 0.5138 0.5930 0.6032 -0.0243 0.0073  0.0008  13  XTH B C6    
276 P P     A XTH B 6 ? 0.8266 0.8113 0.8344 0.0053  0.0065  -0.0114 14  XTH B P     
277 P P     B XTH B 6 ? 0.7130 0.7087 0.7651 0.0178  0.0070  -0.0053 14  XTH B P     
278 O OP1   A XTH B 6 ? 0.8301 0.8270 0.8436 0.0012  -0.0012 -0.0026 14  XTH B OP1   
279 O OP1   B XTH B 6 ? 0.7203 0.6848 0.7120 0.0041  0.0118  -0.0038 14  XTH B OP1   
280 O OP2   A XTH B 6 ? 0.8110 0.8064 0.8331 0.0001  0.0021  -0.0040 14  XTH B OP2   
281 O OP2   B XTH B 6 ? 0.7386 0.7299 0.7533 0.0184  0.0086  -0.0121 14  XTH B OP2   
282 O "O6'" A XTH B 6 ? 0.8664 0.8653 0.8924 -0.0024 0.0035  -0.0025 14  XTH B "O6'" 
283 O "O6'" B XTH B 6 ? 0.7415 0.7263 0.7380 0.0125  0.0125  0.0009  14  XTH B "O6'" 
284 C "C6'" A XTH B 6 ? 0.9311 0.9201 0.9201 0.0021  0.0037  0.0004  14  XTH B "C6'" 
285 C "C6'" B XTH B 6 ? 0.7329 0.7355 0.7374 0.0046  0.0015  0.0045  14  XTH B "C6'" 
286 C "C5'" A XTH B 6 ? 0.9538 0.9554 0.9610 -0.0027 0.0034  -0.0042 14  XTH B "C5'" 
287 C "C5'" B XTH B 6 ? 0.7152 0.7229 0.7204 0.0079  -0.0031 0.0049  14  XTH B "C5'" 
288 C "C4'" A XTH B 6 ? 0.9563 0.9550 0.9540 -0.0019 0.0062  0.0010  14  XTH B "C4'" 
289 C "C4'" B XTH B 6 ? 0.7220 0.7278 0.7315 0.0010  0.0011  0.0031  14  XTH B "C4'" 
290 O "O4'" A XTH B 6 ? 0.9100 0.9048 0.9142 0.0033  -0.0088 0.0007  14  XTH B "O4'" 
291 O "O4'" B XTH B 6 ? 0.7599 0.7474 0.7701 0.0142  -0.0026 0.0087  14  XTH B "O4'" 
292 C "C3'" A XTH B 6 ? 0.9855 0.9874 0.9842 -0.0024 -0.0020 -0.0025 14  XTH B "C3'" 
293 C "C3'" B XTH B 6 ? 0.6948 0.6966 0.6958 -0.0006 -0.0066 0.0048  14  XTH B "C3'" 
294 C "C2'" A XTH B 6 ? 1.0040 1.0220 1.0158 0.0010  0.0024  0.0000  14  XTH B "C2'" 
295 C "C2'" B XTH B 6 ? 0.6490 0.6552 0.6579 -0.0044 0.0071  0.0044  14  XTH B "C2'" 
296 C "C1'" A XTH B 6 ? 1.0101 1.0044 1.0121 0.0054  -0.0051 0.0137  14  XTH B "C1'" 
297 C "C1'" B XTH B 6 ? 0.6184 0.6261 0.6318 0.0109  -0.0097 0.0027  14  XTH B "C1'" 
298 O "O5'" A XTH B 6 ? 1.0012 0.9929 0.9965 0.0002  -0.0056 -0.0045 14  XTH B "O5'" 
299 O "O5'" B XTH B 6 ? 0.6716 0.7090 0.6820 0.0108  0.0146  0.0011  14  XTH B "O5'" 
300 N N1    A XTH B 6 ? 1.0512 1.0706 1.0644 -0.0143 0.0093  -0.0114 14  XTH B N1    
301 N N1    B XTH B 6 ? 0.5629 0.5929 0.6032 -0.0078 0.0151  0.0052  14  XTH B N1    
302 C C2    A XTH B 6 ? 1.0576 1.0743 1.1327 -0.0084 0.0270  -0.0153 14  XTH B C2    
303 C C2    B XTH B 6 ? 0.5332 0.5478 0.5686 -0.0115 0.0065  0.0000  14  XTH B C2    
304 O O2    A XTH B 6 ? 1.0533 1.0611 0.9939 -0.0014 -0.0213 -0.0003 14  XTH B O2    
305 O O2    B XTH B 6 ? 0.5361 0.5396 0.5898 -0.0099 0.0262  0.0079  14  XTH B O2    
306 N N3    A XTH B 6 ? 1.0483 1.0349 1.0313 0.0086  -0.0065 0.0014  14  XTH B N3    
307 N N3    B XTH B 6 ? 0.4943 0.5090 0.5423 -0.0135 0.0250  0.0109  14  XTH B N3    
308 C C4    A XTH B 6 ? 1.0465 1.0535 1.0540 0.0016  0.0004  0.0129  14  XTH B C4    
309 C C4    B XTH B 6 ? 0.5077 0.5290 0.5597 -0.0125 0.0282  0.0137  14  XTH B C4    
310 O O4    A XTH B 6 ? 1.0407 1.0480 1.0424 -0.0005 -0.0011 0.0040  14  XTH B O4    
311 O O4    B XTH B 6 ? 0.4557 0.5002 0.5378 0.0118  0.0298  0.0130  14  XTH B O4    
312 C C5    A XTH B 6 ? 1.0459 1.0563 1.0565 -0.0060 0.0035  -0.0031 14  XTH B C5    
313 C C5    B XTH B 6 ? 0.5077 0.5350 0.5486 0.0034  0.0172  0.0129  14  XTH B C5    
314 C C5M   A XTH B 6 ? 1.0394 1.0428 1.0309 -0.0005 -0.0029 0.0031  14  XTH B C5M   
315 C C5M   B XTH B 6 ? 0.5362 0.5229 0.5526 0.0151  0.0165  0.0131  14  XTH B C5M   
316 C C6    A XTH B 6 ? 1.0426 1.0362 1.0358 0.0049  -0.0049 0.0029  14  XTH B C6    
317 C C6    B XTH B 6 ? 0.5252 0.5467 0.5627 -0.0001 0.0167  0.0045  14  XTH B C6    
318 P P     A XCT B 7 ? 0.8678 0.8533 0.8657 -0.0003 0.0001  -0.0087 15  XCT B P     
319 P P     B XCT B 7 ? 0.7844 0.7619 0.8109 0.0113  -0.0080 0.0193  15  XCT B P     
320 O OP1   A XCT B 7 ? 0.8518 0.8475 0.8591 -0.0009 0.0023  -0.0016 15  XCT B OP1   
321 O OP1   B XCT B 7 ? 0.7956 0.7818 0.7917 0.0022  -0.0038 0.0197  15  XCT B OP1   
322 O OP2   A XCT B 7 ? 0.8615 0.8571 0.8691 -0.0004 -0.0009 -0.0014 15  XCT B OP2   
323 O OP2   B XCT B 7 ? 0.7880 0.7691 0.8014 0.0225  0.0019  0.0071  15  XCT B OP2   
324 O "O6'" A XCT B 7 ? 0.8079 0.7953 0.8146 0.0023  0.0047  0.0127  15  XCT B "O6'" 
325 O "O6'" B XCT B 7 ? 0.7753 0.7458 0.7837 0.0102  0.0032  0.0141  15  XCT B "O6'" 
326 C "C6'" . XCT B 7 ? 0.7288 0.7405 0.7596 0.0119  -0.0023 -0.0036 15  XCT B "C6'" 
327 C "C5'" . XCT B 7 ? 0.6841 0.6361 0.6799 0.0048  -0.0056 0.0008  15  XCT B "C5'" 
328 O "O5'" . XCT B 7 ? 0.5920 0.5016 0.6444 -0.0054 0.0200  -0.0160 15  XCT B "O5'" 
329 C "C4'" . XCT B 7 ? 0.6461 0.5775 0.6378 0.0132  -0.0050 -0.0121 15  XCT B "C4'" 
330 O "O4'" . XCT B 7 ? 0.6584 0.4410 0.6460 0.0575  -0.0264 -0.0429 15  XCT B "O4'" 
331 C "C3'" . XCT B 7 ? 0.6038 0.5544 0.5972 0.0156  -0.0138 -0.0073 15  XCT B "C3'" 
332 C "C2'" . XCT B 7 ? 0.5500 0.5151 0.5705 -0.0086 0.0064  0.0029  15  XCT B "C2'" 
333 C "C1'" . XCT B 7 ? 0.5326 0.4539 0.5490 0.0035  -0.0056 -0.0118 15  XCT B "C1'" 
334 N N1    . XCT B 7 ? 0.5332 0.3349 0.5295 0.0016  0.0100  -0.0121 15  XCT B N1    
335 C C2    . XCT B 7 ? 0.4915 0.3108 0.4863 0.0345  -0.0038 -0.0223 15  XCT B C2    
336 O O2    . XCT B 7 ? 0.4708 0.2505 0.4725 0.0442  0.0034  -0.0115 15  XCT B O2    
337 C C6    . XCT B 7 ? 0.5322 0.3979 0.5026 0.0031  0.0095  -0.0330 15  XCT B C6    
338 C C5    . XCT B 7 ? 0.5116 0.3199 0.4857 0.0219  0.0042  -0.0259 15  XCT B C5    
339 C C4    . XCT B 7 ? 0.4836 0.3866 0.4818 0.0212  -0.0048 -0.0264 15  XCT B C4    
340 N N3    . XCT B 7 ? 0.4541 0.2933 0.4692 -0.0064 0.0070  -0.0361 15  XCT B N3    
341 N N4    . XCT B 7 ? 0.5115 0.3284 0.4759 0.0131  0.0225  -0.0372 15  XCT B N4    
342 P P     . XGU B 8 ? 0.6791 0.3590 0.6569 0.1272  -0.0477 -0.0429 16  XGU B P     
343 O OP1   . XGU B 8 ? 0.6127 0.2582 0.6109 0.0992  0.0062  0.0298  16  XGU B OP1   
344 O OP2   . XGU B 8 ? 0.7418 0.4687 0.6409 0.0706  -0.0225 -0.0703 16  XGU B OP2   
345 O "O6'" . XGU B 8 ? 0.6456 0.5007 0.5946 0.0595  -0.0042 0.0209  16  XGU B "O6'" 
346 C "C6'" . XGU B 8 ? 0.5804 0.5054 0.5183 0.0126  -0.0158 0.0037  16  XGU B "C6'" 
347 C "C5'" . XGU B 8 ? 0.5588 0.3891 0.4596 0.0148  -0.0109 0.0059  16  XGU B "C5'" 
348 O "O5'" . XGU B 8 ? 0.5488 0.1842 0.4778 -0.0023 -0.0035 -0.0218 16  XGU B "O5'" 
349 C "C4'" . XGU B 8 ? 0.5563 0.3893 0.4649 0.0080  -0.0066 -0.0034 16  XGU B "C4'" 
350 O "O4'" . XGU B 8 ? 0.6454 0.3207 0.5137 0.0312  -0.0265 0.0140  16  XGU B "O4'" 
351 C "C3'" . XGU B 8 ? 0.5512 0.4423 0.4817 0.0026  0.0098  0.0034  16  XGU B "C3'" 
352 C "C2'" . XGU B 8 ? 0.5180 0.4145 0.4998 -0.0210 -0.0057 -0.0135 16  XGU B "C2'" 
353 C "C1'" . XGU B 8 ? 0.4968 0.3845 0.4785 0.0197  0.0060  0.0097  16  XGU B "C1'" 
354 N N9    . XGU B 8 ? 0.4646 0.3781 0.4521 0.0125  0.0159  0.0174  16  XGU B N9    
355 C C8    . XGU B 8 ? 0.5004 0.3749 0.4325 0.0190  -0.0121 0.0010  16  XGU B C8    
356 N N7    . XGU B 8 ? 0.5006 0.4138 0.4684 -0.0065 -0.0213 -0.0281 16  XGU B N7    
357 C C4    . XGU B 8 ? 0.4760 0.3702 0.4645 0.0035  0.0081  0.0004  16  XGU B C4    
358 C C5    . XGU B 8 ? 0.4167 0.3356 0.4541 0.0548  -0.0187 0.0074  16  XGU B C5    
359 N N3    . XGU B 8 ? 0.4553 0.3871 0.4463 0.0367  -0.0045 0.0169  16  XGU B N3    
360 C C2    . XGU B 8 ? 0.4924 0.3928 0.4661 0.0104  -0.0103 0.0139  16  XGU B C2    
361 N N2    . XGU B 8 ? 0.5036 0.3764 0.4372 0.0096  0.0018  0.0101  16  XGU B N2    
362 N N1    . XGU B 8 ? 0.4944 0.3544 0.4716 0.0244  0.0256  0.0217  16  XGU B N1    
363 C C6    . XGU B 8 ? 0.5188 0.4145 0.4697 -0.0160 -0.0144 0.0190  16  XGU B C6    
364 O O6    . XGU B 8 ? 0.4830 0.3793 0.4537 -0.0024 -0.0292 0.0375  16  XGU B O6    
371 O O     . HOH D . ? 0.4203 0.5103 0.4840 0.0667  0.0659  0.0662  206 HOH A O     
372 O O     . HOH D . ? 0.5901 0.5217 0.6192 -0.0316 0.0389  0.0157  207 HOH A O     
373 O O     . HOH D . ? 0.4828 0.4066 0.4989 -0.0124 -0.0115 -0.0425 208 HOH A O     
374 O O     . HOH D . ? 0.4064 0.2552 0.6020 -0.0137 0.0368  0.0308  209 HOH A O     
375 O O     . HOH D . ? 0.4826 0.3838 0.5716 0.0796  -0.0132 0.0507  210 HOH A O     
376 O O     . HOH D . ? 0.5955 0.7064 0.6356 -0.0202 0.0139  0.0055  211 HOH A O     
377 O O     . HOH D . ? 0.7695 0.7461 0.7379 0.0242  -0.0035 -0.0063 212 HOH A O     
379 O O     . HOH D . ? 0.6640 0.6668 0.6471 0.0369  0.0007  -0.0187 214 HOH A O     
380 O O     . HOH D . ? 0.6371 0.6546 0.6721 0.0302  -0.0370 0.0224  215 HOH A O     
381 O O     . HOH D . ? 0.3842 0.4056 0.4257 0.0070  0.0127  -0.0175 216 HOH A O     
382 O O     . HOH D . ? 0.5947 0.6612 0.6331 -0.0258 -0.0089 0.0291  217 HOH A O     
383 O O     . HOH D . ? 0.4129 0.4016 0.5035 0.0454  -0.0221 -0.1072 218 HOH A O     
384 O O     . HOH D . ? 0.5681 0.5539 0.5316 0.0033  -0.0030 -0.0230 219 HOH A O     
385 O O     . HOH D . ? 0.5456 0.5701 0.5611 -0.0146 -0.0064 0.0264  220 HOH A O     
386 O O     . HOH D . ? 0.4716 0.4366 0.4920 0.1043  -0.0083 -0.0122 221 HOH A O     
387 O O     . HOH D . ? 0.6975 0.6192 0.6401 0.0059  -0.0258 0.0098  222 HOH A O     
388 O O     . HOH D . ? 0.5956 0.6080 0.5740 -0.0039 0.0031  0.0112  223 HOH A O     
389 O O     . HOH D . ? 0.5491 0.5217 0.5969 0.0165  -0.0044 0.0265  224 HOH A O     
390 O O     . HOH D . ? 0.6303 0.6438 0.6449 0.0357  -0.0240 0.0148  225 HOH A O     
391 O O     . HOH D . ? 0.8110 0.8095 0.8215 -0.0009 -0.0028 0.0044  226 HOH A O     
392 O O     . HOH D . ? 0.6261 0.6167 0.6971 0.0023  -0.0279 -0.0093 227 HOH A O     
393 O O     . HOH D . ? 0.6070 0.6110 0.6594 -0.0483 0.0357  0.0135  228 HOH A O     
394 O O     . HOH D . ? 0.6940 0.5785 0.7212 0.0408  -0.0100 -0.0384 229 HOH A O     
395 O O     . HOH D . ? 0.7041 0.7324 0.7321 -0.0172 -0.0044 0.0716  230 HOH A O     
396 O O     . HOH E . ? 0.6218 0.6085 0.6725 0.0327  0.0294  -0.0310 17  HOH B O     
397 O O     . HOH E . ? 0.5150 0.5316 0.6605 0.0169  -0.0002 -0.0997 18  HOH B O     
398 O O     . HOH E . ? 0.6865 0.6743 0.7067 0.0118  0.0029  0.0386  19  HOH B O     
399 O O     . HOH E . ? 0.7064 0.6440 0.6481 -0.0179 0.0223  -0.0335 20  HOH B O     
400 O O     . HOH E . ? 0.5107 0.4471 0.5897 -0.0276 0.0679  -0.0622 21  HOH B O     
401 O O     . HOH E . ? 0.6258 0.6311 0.6357 0.0323  -0.0115 0.0242  22  HOH B O     
402 O O     . HOH E . ? 0.5769 0.5201 0.5321 0.0018  0.0506  -0.0514 23  HOH B O     
403 O O     . HOH E . ? 0.3246 0.2932 0.3489 0.1015  0.0489  -0.0897 24  HOH B O     
404 O O     . HOH E . ? 0.7741 0.7281 0.7333 0.0058  0.0166  0.0347  25  HOH B O     
405 O O     . HOH E . ? 0.5414 0.5326 0.5684 -0.0478 -0.0031 -0.0411 26  HOH B O     
406 O O     . HOH E . ? 0.3474 0.2880 0.3135 0.0567  0.0327  -0.1039 27  HOH B O     
407 O O     . HOH E . ? 0.4744 0.3631 0.5207 0.0652  -0.0062 -0.0947 28  HOH B O     
408 O O     . HOH E . ? 0.4068 0.4245 0.4658 -0.0179 -0.0375 -0.0397 29  HOH B O     
409 O O     . HOH E . ? 0.4798 0.4729 0.5598 -0.0807 0.0321  -0.0395 30  HOH B O     
410 O O     . HOH E . ? 0.8658 0.8505 0.8250 0.0025  -0.0019 -0.0060 31  HOH B O     
411 O O     . HOH E . ? 0.4259 0.3584 0.4711 0.0131  0.0673  -0.1130 32  HOH B O     
412 O O     . HOH E . ? 0.4323 0.4147 0.5265 -0.0201 -0.0242 -0.0047 33  HOH B O     
413 O O     . HOH E . ? 0.4549 0.4014 0.5040 0.0057  0.0123  -0.0427 34  HOH B O     
414 O O     . HOH E . ? 0.5099 0.4305 0.5628 -0.0284 -0.0195 -0.0367 35  HOH B O     
415 O O     . HOH E . ? 0.4792 0.4010 0.4685 0.0148  -0.0091 -0.0374 36  HOH B O     
416 O O     . HOH E . ? 0.6216 0.5919 0.7123 0.0245  0.0008  -0.0536 37  HOH B O     
417 O O     . HOH E . ? 0.6426 0.6350 0.6154 0.0381  0.0174  -0.0141 38  HOH B O     
418 O O     . HOH E . ? 0.5798 0.4456 0.4997 -0.0010 -0.0115 -0.0204 39  HOH B O     
419 O O     . HOH E . ? 0.3948 0.5621 0.4835 -0.0318 -0.0087 -0.1040 40  HOH B O     
420 O O     . HOH E . ? 0.7132 0.7309 0.7670 0.0267  0.0096  -0.0181 41  HOH B O     
421 O O     . HOH E . ? 0.5981 0.5922 0.6343 0.0231  -0.0138 -0.0182 42  HOH B O     
422 O O     . HOH E . ? 0.5974 0.6445 0.6320 -0.0262 0.0087  0.0157  43  HOH B O     
423 O O     . HOH E . ? 0.4921 0.6459 0.5861 -0.0621 0.0454  0.0300  44  HOH B O     
424 O O     . HOH E . ? 0.6048 0.4958 0.6210 0.0284  0.0951  -0.0533 45  HOH B O     
425 O O     . HOH E . ? 0.6820 0.5147 0.6353 -0.0093 0.0486  0.0084  46  HOH B O     
426 O O     . HOH E . ? 0.4817 0.4167 0.3961 0.0282  0.0207  -0.0053 47  HOH B O     
427 O O     . HOH E . ? 0.6929 0.6696 0.6286 0.0145  0.0062  -0.0287 48  HOH B O     
428 O O     . HOH E . ? 0.8103 0.8530 0.8455 0.0176  -0.0128 0.0007  49  HOH B O     
429 O O     . HOH E . ? 0.7486 0.7835 0.7974 0.0031  0.0188  -0.0380 50  HOH B O     
430 O O     . HOH E . ? 0.6320 0.5307 0.5986 0.0500  -0.0062 -0.0529 51  HOH B O     
431 O O     . HOH E . ? 0.8863 0.8541 0.8470 0.0191  -0.0021 0.0120  52  HOH B O     
432 O O     . HOH E . ? 0.7182 0.7384 0.7323 -0.0026 -0.0028 0.0092  53  HOH B O     
433 O O     . HOH E . ? 0.6731 0.6231 0.6520 -0.0337 0.0120  -0.0271 54  HOH B O     
434 O O     . HOH E . ? 0.6989 0.7515 0.7511 -0.0205 -0.0071 0.0858  55  HOH B O     
435 O O     . HOH E . ? 0.6921 0.6625 0.6877 0.0230  -0.0056 0.0088  56  HOH B O     
436 O O     . HOH E . ? 0.8071 0.7669 0.7869 0.0090  -0.0041 -0.0087 57  HOH B O     
437 O O     . HOH E . ? 0.5047 0.3932 0.4461 0.0376  0.0002  -0.0583 58  HOH B O     
# 
